data_3RHF
#
_entry.id   3RHF
#
_cell.length_a   126.353
_cell.length_b   126.353
_cell.length_c   199.064
_cell.angle_alpha   90.00
_cell.angle_beta   90.00
_cell.angle_gamma   90.00
#
_symmetry.space_group_name_H-M   'P 41 21 2'
#
loop_
_entity.id
_entity.type
_entity.pdbx_description
1 polymer 'Putative polyphosphate kinase 2 family protein'
2 non-polymer 'TRIETHYLENE GLYCOL'
3 non-polymer 'CITRATE ANION'
4 non-polymer 'PHOSPHATE ION'
5 non-polymer 'TETRAETHYLENE GLYCOL'
6 non-polymer 'CHLORIDE ION'
7 non-polymer 1,2-ETHANEDIOL
8 water water
#
_entity_poly.entity_id   1
_entity_poly.type   'polypeptide(L)'
_entity_poly.pdbx_seq_one_letter_code
;SNA(MSE)P(MSE)VAAVEFAKSPAEVLRVGSGFSLAGVDPESTPGYTGVKADGKALLAAQDARLAELQEKLFAEGKFGN
PKRLLLILQA(MSE)DTAGKGGIVSHVVGA(MSE)DPQGVQLTAFKAPTDEEKSHDFLWRIEKQVPAAG(MSE)VGVFDR
SQYEDVLIHRVHGWADAAELERRYAAINDFESRLTEQGTTIVKV(MSE)LNISKDEQKKRLIARLDDPSKHWKYSRGDLA
ERAYWDDY(MSE)DAYSVAFEKTSTEIAPWHVVPANKKWYARIAVQQLLLDALGGLQLDWPKADFDVAAERALVVES
;
_entity_poly.pdbx_strand_id   A,B,C,D
#
# COMPACT_ATOMS: atom_id res chain seq x y z
N VAL A 7 -18.41 3.34 -43.30
CA VAL A 7 -17.06 3.45 -43.97
C VAL A 7 -15.98 2.45 -43.40
N ALA A 8 -14.95 2.17 -44.22
CA ALA A 8 -13.95 1.09 -43.99
C ALA A 8 -12.58 1.60 -43.46
N ALA A 9 -11.79 0.66 -42.91
CA ALA A 9 -10.56 0.99 -42.21
C ALA A 9 -9.46 1.35 -43.19
N VAL A 10 -9.05 2.63 -43.13
CA VAL A 10 -7.87 3.15 -43.77
C VAL A 10 -6.78 3.14 -42.71
N GLU A 11 -5.72 2.38 -42.98
CA GLU A 11 -4.59 2.20 -42.08
C GLU A 11 -3.60 3.31 -42.28
N PHE A 12 -2.66 3.43 -41.37
CA PHE A 12 -1.60 4.40 -41.51
C PHE A 12 -0.78 4.10 -42.77
N ALA A 13 -0.50 5.15 -43.56
CA ALA A 13 0.36 5.02 -44.73
C ALA A 13 1.79 4.94 -44.26
N LYS A 14 2.17 5.77 -43.31
CA LYS A 14 3.48 5.60 -42.69
C LYS A 14 3.29 5.45 -41.16
N SER A 15 4.12 4.61 -40.56
CA SER A 15 4.04 4.34 -39.14
C SER A 15 4.34 5.58 -38.28
N PRO A 16 3.54 5.81 -37.24
CA PRO A 16 3.84 6.89 -36.32
C PRO A 16 5.14 6.69 -35.53
N ALA A 17 5.68 5.49 -35.44
CA ALA A 17 6.97 5.32 -34.77
C ALA A 17 8.02 6.11 -35.58
N GLU A 18 7.66 6.46 -36.81
CA GLU A 18 8.59 7.05 -37.76
C GLU A 18 8.33 8.52 -37.89
N VAL A 19 7.13 8.92 -38.27
CA VAL A 19 6.87 10.31 -38.56
C VAL A 19 6.74 11.13 -37.29
N LEU A 20 6.38 10.52 -36.15
CA LEU A 20 6.13 11.31 -34.91
C LEU A 20 7.30 11.30 -33.95
N ARG A 21 8.32 10.55 -34.29
CA ARG A 21 9.55 10.40 -33.46
C ARG A 21 10.27 11.73 -33.27
N VAL A 22 10.83 11.96 -32.10
CA VAL A 22 11.71 13.09 -31.88
C VAL A 22 13.18 12.67 -32.08
N GLY A 23 13.72 13.06 -33.22
CA GLY A 23 15.06 12.66 -33.64
C GLY A 23 16.03 13.81 -33.53
N SER A 24 17.26 13.58 -33.96
CA SER A 24 18.29 14.62 -33.85
C SER A 24 17.83 15.93 -34.53
N GLY A 25 17.11 15.80 -35.66
CA GLY A 25 16.56 16.96 -36.37
C GLY A 25 15.53 17.82 -35.62
N PHE A 26 14.87 17.24 -34.59
CA PHE A 26 13.56 17.72 -34.09
C PHE A 26 13.54 19.13 -33.57
N SER A 27 12.47 19.84 -33.97
CA SER A 27 12.04 21.04 -33.25
C SER A 27 10.51 21.09 -33.07
N LEU A 28 10.09 21.47 -31.87
CA LEU A 28 8.67 21.45 -31.52
C LEU A 28 7.85 22.57 -32.21
N ALA A 29 8.53 23.57 -32.74
CA ALA A 29 7.85 24.63 -33.50
C ALA A 29 7.54 24.18 -34.93
N GLY A 30 8.34 23.28 -35.51
CA GLY A 30 8.00 22.66 -36.81
C GLY A 30 6.75 21.77 -36.77
N VAL A 31 6.28 21.40 -35.57
CA VAL A 31 5.08 20.56 -35.44
C VAL A 31 3.81 21.39 -35.60
N ASP A 32 2.93 20.92 -36.48
CA ASP A 32 1.62 21.50 -36.68
C ASP A 32 0.53 20.69 -35.93
N PRO A 33 -0.05 21.28 -34.90
CA PRO A 33 -1.00 20.57 -34.06
C PRO A 33 -2.26 20.14 -34.81
N GLU A 34 -2.44 20.63 -36.04
CA GLU A 34 -3.63 20.37 -36.83
C GLU A 34 -3.39 19.23 -37.80
N SER A 35 -2.13 18.91 -38.10
CA SER A 35 -1.79 17.83 -39.02
C SER A 35 -2.19 16.43 -38.49
N THR A 36 -2.20 15.45 -39.40
CA THR A 36 -2.48 14.02 -39.14
C THR A 36 -1.35 13.16 -39.74
N PRO A 37 -0.13 13.38 -39.25
CA PRO A 37 1.04 12.80 -39.90
C PRO A 37 0.99 11.31 -40.05
N GLY A 38 1.34 10.86 -41.24
CA GLY A 38 1.34 9.46 -41.60
C GLY A 38 -0.03 8.94 -42.00
N TYR A 39 -1.10 9.74 -41.84
CA TYR A 39 -2.45 9.23 -42.03
C TYR A 39 -3.08 9.97 -43.16
N THR A 40 -3.56 9.23 -44.16
CA THR A 40 -4.07 9.83 -45.35
C THR A 40 -5.57 9.85 -45.35
N GLY A 41 -6.22 9.33 -44.33
CA GLY A 41 -7.69 9.34 -44.31
C GLY A 41 -8.19 10.52 -43.50
N VAL A 42 -9.50 10.65 -43.36
CA VAL A 42 -10.07 11.72 -42.55
C VAL A 42 -10.84 11.12 -41.35
N LYS A 43 -11.53 11.96 -40.59
CA LYS A 43 -12.21 11.55 -39.38
C LYS A 43 -13.07 10.29 -39.52
N ALA A 44 -13.95 10.22 -40.51
CA ALA A 44 -14.80 9.04 -40.66
C ALA A 44 -13.96 7.76 -40.78
N ASP A 45 -12.83 7.85 -41.48
CA ASP A 45 -11.92 6.73 -41.69
C ASP A 45 -11.17 6.35 -40.41
N GLY A 46 -10.87 7.39 -39.63
CA GLY A 46 -10.15 7.27 -38.37
C GLY A 46 -11.04 6.63 -37.32
N LYS A 47 -12.31 7.02 -37.27
CA LYS A 47 -13.23 6.36 -36.36
C LYS A 47 -13.34 4.90 -36.72
N ALA A 48 -13.30 4.57 -37.99
CA ALA A 48 -13.40 3.19 -38.35
C ALA A 48 -12.09 2.43 -38.08
N LEU A 49 -10.94 3.09 -38.23
CA LEU A 49 -9.68 2.47 -37.82
C LEU A 49 -9.64 2.25 -36.33
N LEU A 50 -10.14 3.19 -35.56
CA LEU A 50 -10.10 3.09 -34.13
C LEU A 50 -10.76 1.80 -33.66
N ALA A 51 -11.87 1.41 -34.27
CA ALA A 51 -12.64 0.27 -33.78
C ALA A 51 -11.90 -1.01 -34.13
N ALA A 52 -11.14 -0.98 -35.23
CA ALA A 52 -10.38 -2.13 -35.64
C ALA A 52 -9.15 -2.24 -34.73
N GLN A 53 -8.56 -1.09 -34.42
CA GLN A 53 -7.39 -1.00 -33.54
C GLN A 53 -7.71 -1.63 -32.20
N ASP A 54 -8.94 -1.39 -31.71
CA ASP A 54 -9.38 -1.85 -30.40
C ASP A 54 -9.31 -3.37 -30.31
N ALA A 55 -9.86 -4.06 -31.32
CA ALA A 55 -9.83 -5.51 -31.42
C ALA A 55 -8.39 -5.98 -31.53
N ARG A 56 -7.59 -5.33 -32.35
CA ARG A 56 -6.18 -5.71 -32.42
C ARG A 56 -5.42 -5.59 -31.08
N LEU A 57 -5.65 -4.46 -30.39
CA LEU A 57 -5.02 -4.20 -29.11
C LEU A 57 -5.49 -5.23 -28.06
N ALA A 58 -6.78 -5.53 -28.02
CA ALA A 58 -7.31 -6.56 -27.10
C ALA A 58 -6.58 -7.91 -27.32
N GLU A 59 -6.40 -8.31 -28.56
CA GLU A 59 -5.70 -9.55 -28.82
C GLU A 59 -4.26 -9.43 -28.38
N LEU A 60 -3.57 -8.36 -28.73
CA LEU A 60 -2.15 -8.33 -28.46
C LEU A 60 -1.80 -8.12 -26.97
N GLN A 61 -2.66 -7.47 -26.22
CA GLN A 61 -2.44 -7.32 -24.82
C GLN A 61 -2.69 -8.65 -24.13
N GLU A 62 -3.69 -9.37 -24.58
CA GLU A 62 -4.04 -10.62 -24.00
C GLU A 62 -2.91 -11.59 -24.19
N LYS A 63 -2.22 -11.53 -25.31
CA LYS A 63 -1.02 -12.34 -25.51
C LYS A 63 0.13 -11.92 -24.62
N LEU A 64 0.42 -10.64 -24.54
CA LEU A 64 1.41 -10.15 -23.55
C LEU A 64 1.17 -10.78 -22.19
N PHE A 65 -0.07 -10.67 -21.73
CA PHE A 65 -0.48 -11.21 -20.44
C PHE A 65 -0.27 -12.73 -20.32
N ALA A 66 -0.70 -13.47 -21.34
CA ALA A 66 -0.64 -14.94 -21.32
C ALA A 66 0.81 -15.32 -21.24
N GLU A 67 1.63 -14.64 -22.04
CA GLU A 67 3.07 -14.90 -22.03
C GLU A 67 3.65 -14.61 -20.68
N GLY A 68 3.27 -13.49 -20.09
CA GLY A 68 3.75 -13.17 -18.76
C GLY A 68 3.36 -14.24 -17.72
N LYS A 69 2.15 -14.77 -17.81
CA LYS A 69 1.69 -15.81 -16.88
C LYS A 69 2.55 -17.07 -17.04
N PHE A 70 3.27 -17.18 -18.14
CA PHE A 70 4.04 -18.38 -18.41
C PHE A 70 5.54 -18.10 -18.33
N GLY A 71 5.90 -17.04 -17.62
CA GLY A 71 7.33 -16.67 -17.47
C GLY A 71 8.01 -15.71 -18.42
N ASN A 72 7.30 -15.18 -19.41
CA ASN A 72 7.90 -14.14 -20.26
C ASN A 72 8.13 -12.86 -19.47
N PRO A 73 9.30 -12.25 -19.59
CA PRO A 73 9.45 -11.03 -18.81
C PRO A 73 8.95 -9.76 -19.47
N LYS A 74 8.49 -9.81 -20.71
CA LYS A 74 8.23 -8.58 -21.42
C LYS A 74 6.99 -7.90 -20.91
N ARG A 75 6.99 -6.58 -20.99
CA ARG A 75 5.86 -5.77 -20.53
C ARG A 75 5.94 -4.45 -21.26
N LEU A 76 4.99 -3.56 -21.02
CA LEU A 76 4.90 -2.33 -21.76
C LEU A 76 4.47 -1.20 -20.87
N LEU A 77 4.96 0.00 -21.18
CA LEU A 77 4.69 1.20 -20.39
C LEU A 77 4.45 2.37 -21.36
N LEU A 78 3.19 2.83 -21.35
CA LEU A 78 2.77 3.98 -22.06
C LEU A 78 2.81 5.17 -21.12
N ILE A 79 3.61 6.18 -21.50
CA ILE A 79 3.69 7.47 -20.81
C ILE A 79 3.04 8.56 -21.64
N LEU A 80 2.00 9.17 -21.05
CA LEU A 80 1.38 10.36 -21.63
C LEU A 80 1.68 11.66 -20.89
N GLN A 81 2.17 12.65 -21.62
CA GLN A 81 2.23 14.04 -21.11
C GLN A 81 1.51 14.94 -22.06
N ALA A 82 0.85 15.97 -21.50
CA ALA A 82 0.20 16.99 -22.27
C ALA A 82 -0.33 18.10 -21.38
N ASP A 84 -3.32 20.66 -20.04
CA ASP A 84 -4.67 20.30 -19.67
C ASP A 84 -5.56 20.60 -20.84
N THR A 85 -6.63 19.82 -21.01
CA THR A 85 -7.49 20.00 -22.17
C THR A 85 -7.00 19.19 -23.38
N ALA A 86 -5.72 18.81 -23.43
CA ALA A 86 -5.16 18.15 -24.64
C ALA A 86 -5.71 16.74 -24.88
N GLY A 87 -6.42 16.20 -23.88
CA GLY A 87 -7.08 14.91 -24.01
C GLY A 87 -6.35 13.68 -23.51
N LYS A 88 -5.48 13.81 -22.48
CA LYS A 88 -4.82 12.58 -21.95
C LYS A 88 -5.89 11.65 -21.35
N GLY A 89 -6.76 12.25 -20.55
CA GLY A 89 -7.80 11.50 -19.87
C GLY A 89 -8.58 10.61 -20.82
N GLY A 90 -9.02 11.19 -21.92
CA GLY A 90 -9.79 10.48 -22.90
C GLY A 90 -9.00 9.42 -23.61
N ILE A 91 -7.76 9.69 -23.94
CA ILE A 91 -6.98 8.68 -24.58
C ILE A 91 -6.72 7.49 -23.63
N VAL A 92 -6.38 7.79 -22.36
CA VAL A 92 -6.12 6.79 -21.40
C VAL A 92 -7.32 5.92 -21.29
N SER A 93 -8.48 6.54 -21.13
CA SER A 93 -9.73 5.81 -21.04
C SER A 93 -9.98 4.97 -22.25
N HIS A 94 -9.63 5.48 -23.41
CA HIS A 94 -9.96 4.67 -24.57
C HIS A 94 -9.04 3.40 -24.64
N VAL A 95 -7.74 3.62 -24.46
CA VAL A 95 -6.74 2.58 -24.55
C VAL A 95 -6.99 1.53 -23.49
N VAL A 96 -7.16 1.96 -22.26
CA VAL A 96 -7.47 1.03 -21.20
C VAL A 96 -8.73 0.24 -21.45
N GLY A 97 -9.75 0.89 -21.97
CA GLY A 97 -10.99 0.22 -22.25
C GLY A 97 -10.98 -0.75 -23.39
N ALA A 98 -9.97 -0.69 -24.23
CA ALA A 98 -9.85 -1.68 -25.30
C ALA A 98 -9.21 -2.91 -24.72
N ASP A 100 -8.14 -5.78 -21.38
CA ASP A 100 -8.66 -6.39 -20.17
C ASP A 100 -7.99 -5.70 -18.98
N PRO A 101 -8.78 -5.09 -18.08
CA PRO A 101 -8.26 -4.32 -16.94
C PRO A 101 -7.38 -5.13 -15.99
N GLN A 102 -7.56 -6.43 -15.94
CA GLN A 102 -6.70 -7.24 -15.12
C GLN A 102 -5.33 -7.37 -15.72
N GLY A 103 -5.14 -6.83 -16.93
CA GLY A 103 -3.85 -6.84 -17.65
C GLY A 103 -3.18 -5.47 -17.74
N VAL A 104 -3.77 -4.50 -17.02
CA VAL A 104 -3.37 -3.07 -17.09
C VAL A 104 -3.14 -2.48 -15.75
N GLN A 105 -2.08 -1.71 -15.60
CA GLN A 105 -1.77 -0.96 -14.32
C GLN A 105 -1.74 0.50 -14.72
N LEU A 106 -2.84 1.19 -14.47
CA LEU A 106 -2.93 2.61 -14.71
C LEU A 106 -2.56 3.40 -13.44
N THR A 107 -1.70 4.40 -13.58
CA THR A 107 -1.49 5.39 -12.56
C THR A 107 -1.63 6.82 -13.17
N ALA A 108 -2.51 7.62 -12.58
CA ALA A 108 -2.58 9.07 -12.83
C ALA A 108 -1.89 9.78 -11.66
N PHE A 109 -0.64 10.15 -11.88
CA PHE A 109 0.16 10.87 -10.89
C PHE A 109 -0.43 12.24 -10.61
N LYS A 110 -0.72 12.48 -9.33
CA LYS A 110 -1.34 13.72 -8.83
C LYS A 110 -0.19 14.52 -8.18
N ALA A 111 -0.47 15.62 -7.48
CA ALA A 111 0.66 16.37 -6.82
C ALA A 111 1.26 15.45 -5.75
N PRO A 112 2.55 15.57 -5.51
CA PRO A 112 3.16 14.65 -4.57
C PRO A 112 2.67 14.85 -3.15
N THR A 113 2.49 13.73 -2.44
CA THR A 113 2.28 13.75 -1.00
C THR A 113 3.56 14.13 -0.26
N ASP A 114 3.41 14.53 1.00
CA ASP A 114 4.55 14.86 1.87
C ASP A 114 5.53 13.66 1.93
N GLU A 115 5.02 12.46 2.20
CA GLU A 115 5.86 11.25 2.03
C GLU A 115 6.60 11.29 0.69
N GLU A 116 5.88 11.46 -0.41
CA GLU A 116 6.54 11.50 -1.71
C GLU A 116 7.55 12.65 -1.85
N LYS A 117 7.24 13.83 -1.30
CA LYS A 117 8.17 14.96 -1.47
C LYS A 117 9.50 14.69 -0.71
N SER A 118 9.46 13.79 0.24
CA SER A 118 10.63 13.59 1.06
C SER A 118 11.50 12.41 0.51
N HIS A 119 11.10 11.84 -0.63
CA HIS A 119 11.96 10.94 -1.40
C HIS A 119 12.46 11.62 -2.66
N ASP A 120 13.46 10.98 -3.28
CA ASP A 120 13.88 11.32 -4.62
C ASP A 120 12.66 11.21 -5.55
N PHE A 121 12.66 11.99 -6.62
CA PHE A 121 11.46 12.20 -7.42
C PHE A 121 11.02 10.94 -8.14
N LEU A 122 11.96 10.05 -8.46
CA LEU A 122 11.63 8.72 -9.02
C LEU A 122 11.08 7.66 -8.07
N TRP A 123 11.10 7.88 -6.78
CA TRP A 123 10.70 6.81 -5.88
C TRP A 123 9.24 6.46 -6.17
N ARG A 124 8.36 7.46 -6.26
CA ARG A 124 6.94 7.17 -6.46
C ARG A 124 6.63 6.59 -7.81
N ILE A 125 7.49 6.84 -8.78
CA ILE A 125 7.29 6.37 -10.11
C ILE A 125 7.68 4.90 -10.24
N GLU A 126 8.85 4.55 -9.69
CA GLU A 126 9.36 3.17 -9.66
C GLU A 126 8.39 2.23 -8.98
N LYS A 127 7.71 2.69 -7.93
CA LYS A 127 6.72 1.85 -7.32
C LYS A 127 5.70 1.35 -8.31
N GLN A 128 5.38 2.15 -9.33
CA GLN A 128 4.22 1.87 -10.18
C GLN A 128 4.54 1.25 -11.51
N VAL A 129 5.80 0.96 -11.82
CA VAL A 129 6.16 0.38 -13.08
C VAL A 129 5.48 -0.96 -13.31
N PRO A 130 5.11 -1.27 -14.56
CA PRO A 130 4.28 -2.44 -14.70
C PRO A 130 5.06 -3.75 -14.42
N ALA A 131 4.33 -4.76 -13.96
CA ALA A 131 4.91 -6.07 -13.74
C ALA A 131 4.99 -6.80 -15.10
N ALA A 132 5.78 -7.89 -15.13
CA ALA A 132 5.80 -8.85 -16.25
C ALA A 132 4.41 -9.15 -16.81
N GLY A 133 4.28 -9.07 -18.12
CA GLY A 133 3.02 -9.34 -18.76
C GLY A 133 2.00 -8.24 -18.66
N VAL A 135 0.49 -4.19 -19.13
CA VAL A 135 0.57 -2.90 -19.83
C VAL A 135 0.39 -1.84 -18.80
N GLY A 136 1.40 -1.06 -18.60
CA GLY A 136 1.31 0.04 -17.64
C GLY A 136 0.97 1.33 -18.35
N VAL A 137 0.06 2.11 -17.77
CA VAL A 137 -0.23 3.43 -18.31
C VAL A 137 -0.01 4.49 -17.26
N PHE A 138 0.88 5.43 -17.61
CA PHE A 138 1.16 6.63 -16.81
C PHE A 138 0.49 7.88 -17.44
N ASP A 139 -0.63 8.27 -16.83
CA ASP A 139 -1.22 9.60 -17.05
C ASP A 139 -0.48 10.63 -16.17
N ARG A 140 0.35 11.43 -16.85
CA ARG A 140 1.48 12.16 -16.28
C ARG A 140 2.50 11.18 -15.73
N SER A 141 3.71 11.65 -15.49
CA SER A 141 4.83 10.78 -15.25
C SER A 141 6.00 11.45 -14.49
N GLN A 142 7.17 10.83 -14.60
CA GLN A 142 8.40 11.36 -14.01
C GLN A 142 8.82 12.71 -14.62
N TYR A 143 8.36 12.97 -15.84
CA TYR A 143 8.63 14.20 -16.53
C TYR A 143 8.03 15.43 -15.87
N GLU A 144 6.95 15.26 -15.11
CA GLU A 144 6.37 16.41 -14.43
C GLU A 144 7.45 17.15 -13.67
N ASP A 145 8.43 16.37 -13.15
CA ASP A 145 9.47 16.94 -12.32
C ASP A 145 10.55 17.67 -13.10
N VAL A 146 10.51 17.65 -14.43
CA VAL A 146 11.31 18.59 -15.22
C VAL A 146 10.49 19.54 -16.10
N LEU A 147 9.20 19.68 -15.83
CA LEU A 147 8.33 20.58 -16.61
C LEU A 147 7.77 21.67 -15.69
N ILE A 148 6.80 21.33 -14.85
CA ILE A 148 6.18 22.29 -14.00
C ILE A 148 7.31 22.90 -13.14
N HIS A 149 8.18 22.07 -12.60
CA HIS A 149 9.26 22.55 -11.73
C HIS A 149 10.18 23.52 -12.47
N ARG A 150 10.41 23.27 -13.74
CA ARG A 150 11.24 24.18 -14.50
C ARG A 150 10.57 25.54 -14.64
N VAL A 151 9.41 25.55 -15.28
CA VAL A 151 8.60 26.73 -15.49
C VAL A 151 8.58 27.64 -14.28
N HIS A 152 8.29 27.08 -13.11
CA HIS A 152 8.11 27.86 -11.89
C HIS A 152 9.36 28.04 -11.00
N GLY A 153 10.54 27.77 -11.57
CA GLY A 153 11.80 27.95 -10.84
C GLY A 153 11.95 27.12 -9.57
N TRP A 154 11.24 25.98 -9.49
CA TRP A 154 11.29 25.14 -8.29
C TRP A 154 12.47 24.19 -8.28
N ALA A 155 13.34 24.27 -9.29
CA ALA A 155 14.62 23.55 -9.25
C ALA A 155 15.65 24.24 -10.18
N ASP A 156 16.91 24.34 -9.76
CA ASP A 156 17.93 25.09 -10.55
C ASP A 156 18.45 24.27 -11.73
N ALA A 157 19.14 24.94 -12.66
CA ALA A 157 19.67 24.30 -13.88
C ALA A 157 20.43 22.99 -13.58
N ALA A 158 21.09 22.96 -12.42
CA ALA A 158 21.89 21.80 -11.97
C ALA A 158 21.01 20.58 -11.68
N GLU A 159 20.00 20.78 -10.84
CA GLU A 159 19.08 19.71 -10.41
C GLU A 159 18.34 19.18 -11.64
N LEU A 160 17.79 20.11 -12.41
CA LEU A 160 17.18 19.74 -13.67
C LEU A 160 18.09 18.84 -14.47
N GLU A 161 19.33 19.26 -14.65
CA GLU A 161 20.28 18.44 -15.38
C GLU A 161 20.40 17.03 -14.76
N ARG A 162 20.52 16.94 -13.44
CA ARG A 162 20.63 15.63 -12.83
C ARG A 162 19.34 14.83 -13.03
N ARG A 163 18.21 15.50 -13.05
CA ARG A 163 16.95 14.81 -13.24
C ARG A 163 16.82 14.21 -14.62
N TYR A 164 17.28 14.94 -15.62
CA TYR A 164 17.31 14.42 -16.97
C TYR A 164 18.13 13.15 -17.04
N ALA A 165 19.30 13.18 -16.41
CA ALA A 165 20.19 12.03 -16.45
C ALA A 165 19.56 10.89 -15.65
N ALA A 166 18.87 11.18 -14.55
CA ALA A 166 18.25 10.10 -13.75
C ALA A 166 17.12 9.37 -14.52
N ILE A 167 16.29 10.18 -15.20
CA ILE A 167 15.22 9.69 -16.03
C ILE A 167 15.79 8.72 -17.06
N ASN A 168 16.80 9.14 -17.80
CA ASN A 168 17.40 8.28 -18.79
C ASN A 168 17.94 6.97 -18.23
N ASP A 169 18.53 7.04 -17.04
CA ASP A 169 19.08 5.87 -16.36
C ASP A 169 17.97 4.94 -15.93
N PHE A 170 16.93 5.53 -15.35
CA PHE A 170 15.68 4.85 -15.05
C PHE A 170 15.05 4.18 -16.24
N GLU A 171 14.79 4.93 -17.29
CA GLU A 171 14.19 4.29 -18.47
C GLU A 171 15.10 3.16 -19.01
N SER A 172 16.41 3.36 -18.90
CA SER A 172 17.35 2.36 -19.34
C SER A 172 17.27 1.09 -18.46
N ARG A 173 17.03 1.25 -17.16
CA ARG A 173 16.90 0.10 -16.29
C ARG A 173 15.64 -0.66 -16.67
N LEU A 174 14.55 0.08 -16.88
CA LEU A 174 13.27 -0.56 -17.19
C LEU A 174 13.32 -1.36 -18.48
N THR A 175 13.96 -0.79 -19.47
CA THR A 175 14.11 -1.42 -20.78
C THR A 175 14.93 -2.70 -20.68
N GLU A 176 15.99 -2.66 -19.92
CA GLU A 176 16.79 -3.84 -19.69
C GLU A 176 16.02 -4.93 -18.95
N GLN A 177 15.17 -4.54 -18.01
CA GLN A 177 14.33 -5.49 -17.28
C GLN A 177 13.14 -6.06 -18.13
N GLY A 178 13.04 -5.72 -19.41
CA GLY A 178 11.89 -6.19 -20.21
C GLY A 178 10.82 -5.20 -20.71
N THR A 179 10.83 -3.98 -20.18
CA THR A 179 9.82 -2.99 -20.49
C THR A 179 10.07 -2.31 -21.81
N THR A 180 9.11 -2.34 -22.71
CA THR A 180 9.13 -1.44 -23.85
C THR A 180 8.42 -0.13 -23.50
N ILE A 181 9.14 0.99 -23.60
CA ILE A 181 8.59 2.27 -23.14
C ILE A 181 8.11 3.07 -24.31
N VAL A 182 6.82 3.35 -24.34
CA VAL A 182 6.22 4.21 -25.37
C VAL A 182 5.87 5.59 -24.81
N LYS A 183 6.65 6.62 -25.17
CA LYS A 183 6.43 7.96 -24.64
C LYS A 183 5.68 8.85 -25.64
N VAL A 184 4.60 9.46 -25.20
CA VAL A 184 3.76 10.24 -26.08
C VAL A 184 3.51 11.60 -25.47
N LEU A 186 1.04 14.73 -26.22
CA LEU A 186 -0.08 15.25 -27.00
C LEU A 186 0.02 16.77 -27.13
N ASN A 187 0.17 17.26 -28.34
CA ASN A 187 0.49 18.65 -28.59
C ASN A 187 -0.74 19.39 -29.18
N ILE A 188 -1.28 20.32 -28.41
CA ILE A 188 -2.32 21.20 -28.94
C ILE A 188 -1.78 22.61 -28.96
N SER A 189 -2.33 23.40 -29.87
CA SER A 189 -1.99 24.82 -29.98
C SER A 189 -2.56 25.61 -28.82
N LYS A 190 -1.89 26.71 -28.46
CA LYS A 190 -2.43 27.64 -27.43
C LYS A 190 -3.89 28.07 -27.71
N ASP A 191 -4.26 28.22 -28.97
CA ASP A 191 -5.66 28.55 -29.26
C ASP A 191 -6.66 27.43 -29.07
N GLU A 192 -6.27 26.21 -29.48
CA GLU A 192 -7.06 25.01 -29.19
C GLU A 192 -7.37 24.87 -27.70
N GLN A 193 -6.41 25.15 -26.83
CA GLN A 193 -6.68 25.09 -25.40
C GLN A 193 -7.79 26.09 -25.02
N LYS A 194 -7.66 27.30 -25.54
CA LYS A 194 -8.65 28.36 -25.33
C LYS A 194 -10.02 27.90 -25.80
N LYS A 195 -10.07 27.36 -27.02
CA LYS A 195 -11.32 26.83 -27.58
C LYS A 195 -11.89 25.75 -26.65
N ARG A 196 -11.03 24.92 -26.07
CA ARG A 196 -11.51 23.87 -25.21
C ARG A 196 -12.00 24.37 -23.84
N LEU A 197 -11.31 25.32 -23.23
CA LEU A 197 -11.77 25.84 -21.93
C LEU A 197 -13.09 26.57 -22.11
N ILE A 198 -13.20 27.30 -23.22
CA ILE A 198 -14.46 27.98 -23.52
C ILE A 198 -15.60 26.98 -23.66
N ALA A 199 -15.34 25.88 -24.38
CA ALA A 199 -16.34 24.81 -24.52
C ALA A 199 -16.74 24.21 -23.15
N ARG A 200 -15.82 24.13 -22.20
CA ARG A 200 -16.28 23.66 -20.88
C ARG A 200 -17.24 24.63 -20.22
N LEU A 201 -16.96 25.93 -20.35
CA LEU A 201 -17.85 26.93 -19.77
C LEU A 201 -19.22 27.00 -20.49
N ASP A 202 -19.23 26.80 -21.80
CA ASP A 202 -20.48 26.78 -22.60
C ASP A 202 -21.32 25.49 -22.44
N ASP A 203 -20.77 24.40 -21.92
CA ASP A 203 -21.56 23.19 -21.73
C ASP A 203 -21.74 22.93 -20.27
N PRO A 204 -23.00 23.04 -19.78
CA PRO A 204 -23.36 22.79 -18.37
C PRO A 204 -22.92 21.44 -17.86
N SER A 205 -22.99 20.44 -18.71
CA SER A 205 -22.51 19.12 -18.36
C SER A 205 -21.02 19.15 -18.05
N LYS A 206 -20.31 20.19 -18.46
CA LYS A 206 -18.85 20.26 -18.22
C LYS A 206 -18.35 21.28 -17.22
N HIS A 207 -19.24 22.07 -16.63
CA HIS A 207 -18.82 23.02 -15.58
C HIS A 207 -18.04 22.36 -14.46
N TRP A 208 -18.46 21.17 -14.00
CA TRP A 208 -17.73 20.50 -12.90
C TRP A 208 -16.23 20.31 -13.20
N LYS A 209 -15.84 20.30 -14.47
CA LYS A 209 -14.43 20.07 -14.81
C LYS A 209 -13.63 21.34 -14.93
N TYR A 210 -14.27 22.49 -15.03
CA TYR A 210 -13.50 23.70 -15.33
C TYR A 210 -12.62 24.05 -14.13
N SER A 211 -11.36 24.39 -14.38
CA SER A 211 -10.46 24.77 -13.30
C SER A 211 -9.80 26.11 -13.61
N ARG A 212 -9.94 27.06 -12.69
CA ARG A 212 -9.27 28.34 -12.84
C ARG A 212 -7.78 28.12 -13.05
N GLY A 213 -7.21 27.11 -12.36
CA GLY A 213 -5.82 26.75 -12.53
C GLY A 213 -5.35 26.58 -13.96
N ASP A 214 -6.24 26.16 -14.87
CA ASP A 214 -5.88 26.03 -16.28
C ASP A 214 -5.75 27.39 -16.96
N LEU A 215 -6.53 28.36 -16.51
CA LEU A 215 -6.42 29.70 -17.05
C LEU A 215 -5.11 30.35 -16.53
N ALA A 216 -4.89 30.27 -15.21
CA ALA A 216 -3.62 30.69 -14.60
C ALA A 216 -2.44 30.31 -15.49
N GLU A 217 -2.31 29.04 -15.82
CA GLU A 217 -1.10 28.55 -16.46
C GLU A 217 -0.97 28.91 -17.94
N ARG A 218 -2.04 29.41 -18.58
CA ARG A 218 -1.90 29.91 -19.97
C ARG A 218 -0.86 31.03 -20.01
N ALA A 219 -0.81 31.81 -18.95
CA ALA A 219 0.18 32.87 -18.83
C ALA A 219 1.58 32.28 -18.98
N TYR A 220 1.77 31.00 -18.62
CA TYR A 220 3.06 30.38 -18.72
C TYR A 220 3.23 29.47 -19.94
N TRP A 221 2.35 29.60 -20.91
CA TRP A 221 2.33 28.66 -22.02
C TRP A 221 3.65 28.47 -22.77
N ASP A 222 4.39 29.54 -23.05
CA ASP A 222 5.57 29.38 -23.88
C ASP A 222 6.70 28.80 -23.07
N ASP A 223 6.72 29.05 -21.75
CA ASP A 223 7.71 28.47 -20.83
C ASP A 223 7.54 26.92 -20.83
N TYR A 224 6.28 26.46 -20.70
CA TYR A 224 5.97 25.05 -20.86
C TYR A 224 6.40 24.50 -22.20
N ASP A 226 8.85 25.41 -23.93
CA ASP A 226 10.33 25.38 -23.84
C ASP A 226 10.79 24.18 -22.96
N ALA A 227 10.10 23.99 -21.84
CA ALA A 227 10.38 22.90 -20.94
C ALA A 227 10.28 21.57 -21.68
N TYR A 228 9.23 21.42 -22.46
CA TYR A 228 9.01 20.21 -23.19
C TYR A 228 10.14 20.01 -24.16
N SER A 229 10.46 21.06 -24.92
CA SER A 229 11.38 20.92 -26.01
C SER A 229 12.75 20.59 -25.47
N VAL A 230 13.11 21.17 -24.33
CA VAL A 230 14.39 20.85 -23.70
C VAL A 230 14.39 19.42 -23.19
N ALA A 231 13.36 19.07 -22.43
CA ALA A 231 13.10 17.68 -22.02
C ALA A 231 13.27 16.68 -23.16
N PHE A 232 12.77 17.01 -24.35
CA PHE A 232 12.94 16.11 -25.51
C PHE A 232 14.38 16.07 -26.01
N GLU A 233 15.09 17.19 -26.02
CA GLU A 233 16.50 17.16 -26.42
C GLU A 233 17.27 16.30 -25.43
N LYS A 234 16.86 16.32 -24.18
CA LYS A 234 17.63 15.66 -23.12
C LYS A 234 17.29 14.18 -22.99
N THR A 235 16.04 13.77 -23.27
CA THR A 235 15.51 12.45 -22.85
C THR A 235 14.88 11.58 -23.94
N SER A 236 14.91 12.04 -25.20
CA SER A 236 14.51 11.22 -26.31
C SER A 236 15.70 10.36 -26.81
N THR A 237 15.70 9.08 -26.43
CA THR A 237 16.77 8.18 -26.75
C THR A 237 16.39 7.07 -27.73
N GLU A 238 17.40 6.37 -28.25
CA GLU A 238 17.16 5.20 -29.07
C GLU A 238 16.27 4.15 -28.35
N ILE A 239 16.49 3.85 -27.06
CA ILE A 239 15.66 2.85 -26.37
C ILE A 239 14.32 3.42 -25.83
N ALA A 240 14.22 4.73 -25.65
CA ALA A 240 12.95 5.29 -25.27
C ALA A 240 12.77 6.65 -25.96
N PRO A 241 12.37 6.60 -27.24
CA PRO A 241 12.15 7.79 -28.00
C PRO A 241 10.95 8.52 -27.48
N TRP A 242 10.96 9.85 -27.61
CA TRP A 242 9.73 10.63 -27.44
C TRP A 242 8.93 10.66 -28.74
N HIS A 243 7.63 10.77 -28.64
CA HIS A 243 6.82 11.00 -29.80
C HIS A 243 5.92 12.16 -29.48
N VAL A 244 5.80 13.07 -30.42
CA VAL A 244 4.94 14.23 -30.28
C VAL A 244 3.86 14.09 -31.34
N VAL A 245 2.61 13.98 -30.87
CA VAL A 245 1.47 13.61 -31.62
C VAL A 245 0.55 14.82 -31.71
N PRO A 246 0.40 15.40 -32.92
CA PRO A 246 -0.51 16.50 -33.13
C PRO A 246 -1.90 16.10 -32.62
N ALA A 247 -2.49 16.90 -31.73
CA ALA A 247 -3.68 16.47 -31.00
C ALA A 247 -4.86 17.45 -31.09
N ASN A 248 -4.73 18.51 -31.89
CA ASN A 248 -5.88 19.41 -32.09
C ASN A 248 -7.08 18.62 -32.59
N LYS A 249 -6.83 17.58 -33.39
CA LYS A 249 -7.88 16.65 -33.75
C LYS A 249 -7.90 15.47 -32.81
N LYS A 250 -8.93 15.33 -31.98
CA LYS A 250 -8.94 14.24 -31.02
C LYS A 250 -8.90 12.88 -31.71
N TRP A 251 -9.65 12.72 -32.79
CA TRP A 251 -9.74 11.46 -33.50
C TRP A 251 -8.39 11.04 -33.97
N TYR A 252 -7.55 11.98 -34.40
CA TYR A 252 -6.22 11.56 -34.91
C TYR A 252 -5.29 11.10 -33.79
N ALA A 253 -5.26 11.88 -32.72
CA ALA A 253 -4.46 11.51 -31.55
C ALA A 253 -4.85 10.13 -31.05
N ARG A 254 -6.14 9.81 -31.01
CA ARG A 254 -6.52 8.51 -30.55
C ARG A 254 -5.91 7.40 -31.40
N ILE A 255 -5.97 7.50 -32.73
CA ILE A 255 -5.43 6.45 -33.57
C ILE A 255 -3.90 6.47 -33.64
N ALA A 256 -3.30 7.59 -33.31
CA ALA A 256 -1.83 7.68 -33.38
C ALA A 256 -1.27 7.01 -32.12
N VAL A 257 -1.90 7.30 -30.98
CA VAL A 257 -1.51 6.66 -29.76
C VAL A 257 -1.75 5.18 -29.90
N GLN A 258 -2.94 4.80 -30.35
CA GLN A 258 -3.16 3.35 -30.48
C GLN A 258 -2.21 2.64 -31.41
N GLN A 259 -1.87 3.26 -32.53
CA GLN A 259 -0.99 2.56 -33.50
C GLN A 259 0.39 2.45 -32.94
N LEU A 260 0.78 3.40 -32.13
CA LEU A 260 2.09 3.35 -31.45
C LEU A 260 2.21 2.16 -30.52
N LEU A 261 1.16 1.99 -29.73
CA LEU A 261 0.97 0.81 -28.89
C LEU A 261 1.02 -0.48 -29.64
N LEU A 262 0.24 -0.58 -30.72
CA LEU A 262 0.18 -1.85 -31.50
C LEU A 262 1.52 -2.19 -32.15
N ASP A 263 2.20 -1.16 -32.68
CA ASP A 263 3.48 -1.34 -33.35
C ASP A 263 4.55 -1.74 -32.32
N ALA A 264 4.52 -1.16 -31.12
CA ALA A 264 5.42 -1.53 -30.01
C ALA A 264 5.16 -3.01 -29.59
N LEU A 265 3.90 -3.37 -29.46
CA LEU A 265 3.52 -4.72 -29.11
C LEU A 265 3.83 -5.71 -30.19
N GLY A 266 3.69 -5.30 -31.45
CA GLY A 266 4.00 -6.16 -32.61
C GLY A 266 5.49 -6.42 -32.75
N GLY A 267 6.29 -5.52 -32.17
CA GLY A 267 7.73 -5.66 -32.17
C GLY A 267 8.15 -6.65 -31.11
N LEU A 268 7.24 -7.13 -30.27
CA LEU A 268 7.65 -8.06 -29.23
C LEU A 268 7.57 -9.55 -29.60
N GLN A 269 7.02 -9.89 -30.77
CA GLN A 269 6.96 -11.28 -31.25
C GLN A 269 6.19 -12.16 -30.26
N LEU A 270 5.05 -11.66 -29.82
CA LEU A 270 4.17 -12.34 -28.90
C LEU A 270 3.36 -13.41 -29.67
N ASP A 271 3.20 -14.57 -29.06
CA ASP A 271 2.25 -15.56 -29.49
C ASP A 271 1.70 -16.21 -28.26
N TRP A 272 0.65 -16.96 -28.45
CA TRP A 272 0.01 -17.70 -27.40
C TRP A 272 0.89 -18.79 -26.90
N PRO A 273 0.95 -18.94 -25.58
CA PRO A 273 1.70 -20.07 -24.99
C PRO A 273 1.13 -21.44 -25.32
N LYS A 274 2.02 -22.37 -25.58
CA LYS A 274 1.69 -23.80 -25.66
C LYS A 274 1.20 -24.31 -24.31
N ALA A 275 0.35 -25.32 -24.32
CA ALA A 275 -0.09 -25.97 -23.10
C ALA A 275 1.10 -26.51 -22.34
N ASP A 276 1.15 -26.29 -21.04
CA ASP A 276 2.09 -27.00 -20.14
C ASP A 276 1.53 -28.31 -19.61
N PHE A 277 0.74 -29.00 -20.42
CA PHE A 277 0.14 -30.27 -20.05
C PHE A 277 -0.34 -30.93 -21.36
N ASP A 278 -0.80 -32.17 -21.26
CA ASP A 278 -1.27 -32.90 -22.42
C ASP A 278 -2.78 -32.69 -22.64
N VAL A 279 -3.08 -32.09 -23.79
CA VAL A 279 -4.39 -31.58 -24.17
C VAL A 279 -5.26 -32.73 -24.57
N ALA A 280 -4.76 -33.55 -25.50
CA ALA A 280 -5.54 -34.72 -25.91
C ALA A 280 -6.03 -35.47 -24.68
N ALA A 281 -5.18 -35.62 -23.66
CA ALA A 281 -5.53 -36.43 -22.51
C ALA A 281 -6.49 -35.66 -21.64
N GLU A 282 -6.22 -34.38 -21.49
CA GLU A 282 -7.06 -33.56 -20.62
C GLU A 282 -8.47 -33.42 -21.22
N ARG A 283 -8.52 -33.34 -22.55
CA ARG A 283 -9.82 -33.31 -23.25
C ARG A 283 -10.61 -34.55 -22.96
N ALA A 284 -9.98 -35.70 -22.94
CA ALA A 284 -10.71 -36.92 -22.66
C ALA A 284 -11.22 -36.90 -21.20
N LEU A 285 -10.38 -36.44 -20.28
CA LEU A 285 -10.79 -36.38 -18.91
C LEU A 285 -12.02 -35.49 -18.73
N VAL A 286 -12.03 -34.37 -19.42
CA VAL A 286 -13.19 -33.51 -19.34
C VAL A 286 -14.38 -34.21 -19.96
N VAL A 287 -14.18 -34.87 -21.08
CA VAL A 287 -15.30 -35.47 -21.77
C VAL A 287 -15.88 -36.55 -20.90
N GLU A 288 -15.11 -37.15 -20.01
CA GLU A 288 -15.69 -38.09 -19.03
C GLU A 288 -16.14 -37.46 -17.72
N SER A 289 -15.93 -36.14 -17.55
CA SER A 289 -16.25 -35.42 -16.29
C SER A 289 -17.76 -35.25 -16.02
N ALA B 9 32.49 4.46 31.00
CA ALA B 9 32.31 3.43 29.92
C ALA B 9 33.63 3.23 29.16
N VAL B 10 33.96 1.98 28.79
CA VAL B 10 35.13 1.74 27.94
C VAL B 10 34.76 1.83 26.46
N GLU B 11 35.32 2.84 25.79
CA GLU B 11 35.04 3.08 24.39
C GLU B 11 35.85 2.19 23.44
N PHE B 12 35.51 2.25 22.16
CA PHE B 12 36.30 1.61 21.15
C PHE B 12 37.68 2.22 21.12
N ALA B 13 38.69 1.36 21.07
CA ALA B 13 40.04 1.81 20.94
C ALA B 13 40.25 2.23 19.50
N LYS B 14 39.75 1.41 18.58
CA LYS B 14 39.82 1.69 17.12
C LYS B 14 38.41 1.62 16.56
N SER B 15 37.98 2.63 15.84
CA SER B 15 36.63 2.67 15.33
C SER B 15 36.33 1.49 14.44
N PRO B 16 35.15 0.93 14.61
CA PRO B 16 34.90 -0.26 13.83
C PRO B 16 34.82 -0.05 12.32
N ALA B 17 34.67 1.18 11.86
CA ALA B 17 34.64 1.49 10.44
C ALA B 17 35.99 1.20 9.84
N GLU B 18 37.01 1.36 10.66
CA GLU B 18 38.36 1.12 10.25
C GLU B 18 38.66 -0.38 10.30
N VAL B 19 38.08 -1.09 11.25
CA VAL B 19 38.62 -2.41 11.60
C VAL B 19 37.79 -3.60 11.14
N LEU B 20 36.50 -3.39 10.89
CA LEU B 20 35.66 -4.42 10.37
C LEU B 20 35.38 -4.25 8.91
N ARG B 21 35.95 -3.23 8.32
CA ARG B 21 35.74 -2.88 6.91
C ARG B 21 36.28 -3.97 6.01
N VAL B 22 35.61 -4.25 4.89
CA VAL B 22 36.13 -5.15 3.89
C VAL B 22 36.84 -4.36 2.79
N GLY B 23 38.15 -4.50 2.69
CA GLY B 23 38.96 -3.75 1.75
C GLY B 23 39.57 -4.69 0.72
N SER B 24 40.44 -4.11 -0.09
CA SER B 24 41.21 -4.82 -1.11
C SER B 24 41.55 -6.31 -0.85
N GLY B 25 42.27 -6.59 0.24
CA GLY B 25 42.79 -7.94 0.47
C GLY B 25 42.14 -8.62 1.66
N PHE B 26 40.82 -8.58 1.71
CA PHE B 26 40.04 -9.13 2.81
C PHE B 26 39.73 -10.59 2.56
N SER B 27 39.71 -11.39 3.61
CA SER B 27 39.29 -12.76 3.49
C SER B 27 38.40 -13.12 4.66
N LEU B 28 37.20 -13.60 4.34
CA LEU B 28 36.27 -14.10 5.36
C LEU B 28 36.84 -15.28 6.18
N ALA B 29 37.76 -16.05 5.62
CA ALA B 29 38.37 -17.12 6.37
C ALA B 29 39.30 -16.51 7.43
N GLY B 30 39.89 -15.36 7.12
CA GLY B 30 40.75 -14.68 8.08
C GLY B 30 40.08 -14.07 9.29
N VAL B 31 38.75 -14.08 9.36
CA VAL B 31 38.04 -13.51 10.50
C VAL B 31 37.81 -14.49 11.66
N ASP B 32 38.19 -14.08 12.86
CA ASP B 32 37.91 -14.87 14.07
C ASP B 32 36.56 -14.38 14.63
N PRO B 33 35.52 -15.23 14.57
CA PRO B 33 34.19 -14.88 15.07
C PRO B 33 34.18 -14.70 16.56
N GLU B 34 35.22 -15.18 17.24
CA GLU B 34 35.35 -14.95 18.70
C GLU B 34 36.04 -13.63 19.03
N SER B 35 36.55 -12.94 18.04
CA SER B 35 37.20 -11.68 18.30
C SER B 35 36.35 -10.45 18.53
N THR B 36 37.02 -9.41 18.89
CA THR B 36 36.38 -8.27 19.44
C THR B 36 37.15 -7.08 18.94
N PRO B 37 37.28 -6.93 17.65
CA PRO B 37 38.19 -5.94 17.10
C PRO B 37 37.87 -4.48 17.38
N GLY B 38 38.83 -3.62 17.65
CA GLY B 38 38.42 -2.27 17.99
C GLY B 38 38.15 -2.09 19.47
N TYR B 39 37.57 -3.12 20.09
CA TYR B 39 37.27 -3.08 21.52
C TYR B 39 38.36 -3.75 22.34
N THR B 40 38.57 -3.24 23.55
CA THR B 40 39.58 -3.79 24.44
C THR B 40 38.95 -4.30 25.72
N GLY B 41 37.79 -3.78 26.06
CA GLY B 41 37.08 -4.18 27.26
C GLY B 41 36.59 -5.61 27.18
N VAL B 42 35.87 -6.04 28.21
CA VAL B 42 35.17 -7.33 28.20
C VAL B 42 33.65 -7.17 28.36
N LYS B 43 32.94 -8.28 28.49
CA LYS B 43 31.48 -8.25 28.46
C LYS B 43 30.85 -7.21 29.42
N ALA B 44 31.41 -6.99 30.61
CA ALA B 44 30.82 -6.07 31.59
C ALA B 44 30.99 -4.63 31.11
N ASP B 45 32.14 -4.36 30.52
CA ASP B 45 32.43 -3.08 29.91
C ASP B 45 31.52 -2.89 28.70
N GLY B 46 31.47 -3.89 27.80
CA GLY B 46 30.51 -3.89 26.70
C GLY B 46 29.07 -3.46 27.07
N LYS B 47 28.55 -4.01 28.18
CA LYS B 47 27.19 -3.79 28.58
C LYS B 47 26.99 -2.35 29.00
N ALA B 48 27.92 -1.86 29.82
CA ALA B 48 27.97 -0.43 30.16
C ALA B 48 28.07 0.45 28.87
N LEU B 49 28.89 0.10 27.91
CA LEU B 49 29.01 0.95 26.70
C LEU B 49 27.72 0.96 25.89
N LEU B 50 27.04 -0.19 25.85
CA LEU B 50 25.78 -0.30 25.13
C LEU B 50 24.82 0.69 25.72
N ALA B 51 24.72 0.74 27.04
CA ALA B 51 23.80 1.70 27.67
C ALA B 51 24.17 3.14 27.35
N ALA B 52 25.47 3.48 27.26
CA ALA B 52 25.85 4.88 26.84
C ALA B 52 25.51 5.12 25.35
N GLN B 53 25.80 4.14 24.49
CA GLN B 53 25.47 4.26 23.05
C GLN B 53 23.98 4.53 22.84
N ASP B 54 23.15 3.88 23.61
CA ASP B 54 21.70 4.05 23.47
C ASP B 54 21.27 5.50 23.55
N ALA B 55 21.62 6.19 24.63
CA ALA B 55 21.36 7.61 24.76
C ALA B 55 22.00 8.43 23.64
N ARG B 56 23.19 8.04 23.21
CA ARG B 56 23.84 8.81 22.18
C ARG B 56 23.06 8.68 20.89
N LEU B 57 22.63 7.47 20.64
CA LEU B 57 21.96 7.19 19.44
C LEU B 57 20.61 7.85 19.44
N ALA B 58 19.88 7.82 20.55
CA ALA B 58 18.58 8.53 20.57
C ALA B 58 18.78 10.01 20.13
N GLU B 59 19.82 10.63 20.67
CA GLU B 59 20.06 12.02 20.39
C GLU B 59 20.38 12.23 18.91
N LEU B 60 21.38 11.52 18.37
CA LEU B 60 21.73 11.69 16.94
C LEU B 60 20.58 11.37 15.97
N GLN B 61 19.79 10.36 16.24
CA GLN B 61 18.68 10.00 15.34
C GLN B 61 17.61 11.11 15.33
N GLU B 62 17.31 11.63 16.49
CA GLU B 62 16.35 12.70 16.58
C GLU B 62 16.86 13.92 15.84
N LYS B 63 18.14 14.21 15.98
CA LYS B 63 18.76 15.25 15.18
C LYS B 63 18.58 15.00 13.71
N LEU B 64 18.78 13.76 13.27
CA LEU B 64 18.63 13.46 11.84
C LEU B 64 17.21 13.77 11.39
N PHE B 65 16.26 13.35 12.21
CA PHE B 65 14.87 13.57 11.95
C PHE B 65 14.53 15.05 11.97
N ALA B 66 14.96 15.79 12.98
CA ALA B 66 14.67 17.23 13.05
C ALA B 66 15.21 17.91 11.81
N GLU B 67 16.44 17.62 11.46
CA GLU B 67 17.02 18.18 10.26
C GLU B 67 16.21 17.80 9.01
N GLY B 68 15.67 16.58 8.95
CA GLY B 68 14.82 16.21 7.83
C GLY B 68 13.54 17.01 7.75
N LYS B 69 12.88 17.17 8.89
CA LYS B 69 11.66 17.94 8.97
C LYS B 69 11.84 19.32 8.32
N PHE B 70 13.06 19.87 8.41
CA PHE B 70 13.39 21.22 7.95
C PHE B 70 14.15 21.19 6.64
N GLY B 71 14.06 20.07 5.95
CA GLY B 71 14.54 20.03 4.58
C GLY B 71 15.93 19.51 4.35
N ASN B 72 16.61 19.01 5.37
CA ASN B 72 17.87 18.32 5.13
C ASN B 72 17.62 16.98 4.40
N PRO B 73 18.41 16.67 3.37
CA PRO B 73 18.18 15.39 2.67
C PRO B 73 18.89 14.15 3.24
N LYS B 74 19.64 14.28 4.32
CA LYS B 74 20.40 13.16 4.82
C LYS B 74 19.50 12.14 5.48
N ARG B 75 19.85 10.89 5.27
CA ARG B 75 19.19 9.80 5.88
C ARG B 75 20.13 8.62 5.96
N LEU B 76 19.80 7.65 6.76
CA LEU B 76 20.72 6.56 6.97
C LEU B 76 20.01 5.22 6.72
N LEU B 77 20.75 4.28 6.16
CA LEU B 77 20.26 2.94 5.89
C LEU B 77 21.22 1.88 6.48
N LEU B 78 20.71 1.13 7.44
CA LEU B 78 21.45 0.05 8.08
C LEU B 78 20.98 -1.23 7.45
N ILE B 79 21.91 -1.98 6.83
CA ILE B 79 21.59 -3.25 6.23
C ILE B 79 22.33 -4.35 6.99
N LEU B 80 21.57 -5.35 7.43
CA LEU B 80 22.06 -6.50 8.20
C LEU B 80 21.82 -7.78 7.43
N GLN B 81 22.88 -8.55 7.27
CA GLN B 81 22.81 -9.90 6.71
C GLN B 81 23.53 -10.83 7.67
N ALA B 82 22.96 -12.00 7.93
CA ALA B 82 23.62 -13.02 8.77
C ALA B 82 22.91 -14.38 8.69
N ASP B 84 21.12 -17.68 10.12
CA ASP B 84 20.15 -17.81 11.16
C ASP B 84 20.83 -18.15 12.44
N THR B 85 20.41 -17.50 13.49
CA THR B 85 20.97 -17.71 14.78
C THR B 85 21.99 -16.66 15.16
N ALA B 86 22.51 -15.91 14.21
CA ALA B 86 23.56 -14.97 14.47
C ALA B 86 23.19 -13.70 15.24
N GLY B 87 21.90 -13.54 15.52
CA GLY B 87 21.37 -12.39 16.33
C GLY B 87 20.92 -11.12 15.58
N LYS B 88 20.59 -11.24 14.31
CA LYS B 88 20.09 -10.13 13.51
C LYS B 88 18.85 -9.51 14.17
N GLY B 89 17.94 -10.36 14.57
CA GLY B 89 16.63 -9.92 15.04
C GLY B 89 16.82 -9.17 16.34
N GLY B 90 17.77 -9.64 17.17
CA GLY B 90 18.02 -9.07 18.49
C GLY B 90 18.76 -7.73 18.42
N ILE B 91 19.70 -7.62 17.49
CA ILE B 91 20.34 -6.36 17.23
C ILE B 91 19.37 -5.33 16.62
N VAL B 92 18.64 -5.71 15.58
CA VAL B 92 17.58 -4.89 15.02
C VAL B 92 16.72 -4.38 16.14
N SER B 93 16.39 -5.25 17.07
CA SER B 93 15.40 -4.88 18.04
C SER B 93 16.00 -3.90 18.98
N HIS B 94 17.28 -4.07 19.25
CA HIS B 94 17.94 -3.21 20.18
C HIS B 94 18.18 -1.82 19.58
N VAL B 95 18.63 -1.79 18.36
CA VAL B 95 18.97 -0.56 17.74
C VAL B 95 17.71 0.29 17.53
N VAL B 96 16.71 -0.33 16.93
CA VAL B 96 15.46 0.33 16.72
C VAL B 96 14.83 0.80 18.02
N GLY B 97 15.02 0.05 19.10
CA GLY B 97 14.45 0.41 20.41
C GLY B 97 15.15 1.54 21.13
N ALA B 98 16.37 1.82 20.73
CA ALA B 98 17.09 2.96 21.25
C ALA B 98 16.58 4.23 20.55
N ASP B 100 13.51 6.67 18.28
CA ASP B 100 12.08 7.04 18.29
C ASP B 100 11.47 6.34 17.09
N PRO B 101 10.46 5.51 17.31
CA PRO B 101 9.97 4.67 16.20
C PRO B 101 9.36 5.47 15.08
N GLN B 102 8.96 6.70 15.36
CA GLN B 102 8.47 7.57 14.31
C GLN B 102 9.56 8.06 13.39
N GLY B 103 10.81 7.92 13.81
CA GLY B 103 11.92 8.20 12.92
C GLY B 103 12.66 6.99 12.31
N VAL B 104 12.09 5.79 12.44
CA VAL B 104 12.69 4.58 11.85
C VAL B 104 11.78 3.85 10.82
N GLN B 105 12.33 3.40 9.68
CA GLN B 105 11.61 2.57 8.71
C GLN B 105 12.29 1.20 8.71
N LEU B 106 11.65 0.24 9.38
CA LEU B 106 12.22 -1.08 9.54
C LEU B 106 11.51 -1.96 8.58
N THR B 107 12.24 -2.70 7.77
CA THR B 107 11.65 -3.77 6.95
C THR B 107 12.45 -5.06 7.11
N ALA B 108 11.76 -6.13 7.37
CA ALA B 108 12.35 -7.47 7.41
C ALA B 108 11.87 -8.22 6.17
N PHE B 109 12.75 -8.31 5.19
CA PHE B 109 12.42 -8.94 3.92
C PHE B 109 12.33 -10.43 4.02
N LYS B 110 11.16 -10.93 3.65
CA LYS B 110 10.86 -12.35 3.63
C LYS B 110 10.93 -12.93 2.21
N ALA B 111 10.43 -14.13 2.02
CA ALA B 111 10.38 -14.67 0.64
C ALA B 111 9.42 -13.84 -0.22
N PRO B 112 9.79 -13.66 -1.47
CA PRO B 112 9.07 -12.78 -2.36
C PRO B 112 7.66 -13.27 -2.72
N THR B 113 6.72 -12.33 -2.73
CA THR B 113 5.35 -12.60 -3.17
C THR B 113 5.31 -12.79 -4.66
N ASP B 114 4.19 -13.25 -5.17
CA ASP B 114 4.08 -13.47 -6.61
C ASP B 114 4.27 -12.17 -7.34
N GLU B 115 3.68 -11.10 -6.79
CA GLU B 115 3.82 -9.78 -7.38
C GLU B 115 5.28 -9.40 -7.48
N GLU B 116 6.01 -9.55 -6.36
CA GLU B 116 7.43 -9.18 -6.35
C GLU B 116 8.26 -10.07 -7.28
N LYS B 117 7.92 -11.33 -7.35
CA LYS B 117 8.63 -12.23 -8.26
C LYS B 117 8.34 -11.80 -9.71
N SER B 118 7.30 -11.04 -9.95
CA SER B 118 7.11 -10.61 -11.32
C SER B 118 7.67 -9.18 -11.62
N HIS B 119 8.46 -8.63 -10.70
CA HIS B 119 9.32 -7.46 -10.98
C HIS B 119 10.79 -7.80 -10.84
N ASP B 120 11.62 -6.91 -11.34
CA ASP B 120 13.04 -6.97 -11.08
C ASP B 120 13.27 -7.01 -9.54
N PHE B 121 14.33 -7.71 -9.15
CA PHE B 121 14.59 -8.04 -7.74
C PHE B 121 14.72 -6.83 -6.85
N LEU B 122 15.18 -5.69 -7.37
CA LEU B 122 15.37 -4.44 -6.59
C LEU B 122 14.10 -3.58 -6.41
N TRP B 123 13.03 -3.92 -7.12
CA TRP B 123 11.81 -3.13 -7.11
C TRP B 123 11.25 -3.04 -5.68
N ARG B 124 11.07 -4.22 -5.10
CA ARG B 124 10.53 -4.32 -3.76
C ARG B 124 11.55 -3.78 -2.75
N ILE B 125 12.81 -3.65 -3.13
CA ILE B 125 13.77 -3.05 -2.21
C ILE B 125 13.65 -1.53 -2.25
N GLU B 126 13.62 -1.03 -3.47
CA GLU B 126 13.45 0.37 -3.74
C GLU B 126 12.22 0.94 -3.08
N LYS B 127 11.11 0.22 -3.02
CA LYS B 127 9.94 0.75 -2.26
C LYS B 127 10.21 1.16 -0.82
N GLN B 128 11.17 0.50 -0.20
CA GLN B 128 11.31 0.53 1.22
C GLN B 128 12.48 1.36 1.67
N VAL B 129 13.24 1.95 0.76
CA VAL B 129 14.40 2.75 1.19
C VAL B 129 13.87 3.90 2.02
N PRO B 130 14.66 4.47 2.94
CA PRO B 130 14.11 5.54 3.82
C PRO B 130 14.02 6.90 3.20
N ALA B 131 13.03 7.65 3.64
CA ALA B 131 12.88 9.09 3.32
C ALA B 131 13.87 9.99 4.05
N ALA B 132 13.94 11.26 3.61
CA ALA B 132 14.74 12.28 4.28
C ALA B 132 14.49 12.23 5.77
N GLY B 133 15.58 12.25 6.54
CA GLY B 133 15.50 12.39 8.02
C GLY B 133 15.20 11.10 8.74
N VAL B 135 15.83 6.87 9.69
CA VAL B 135 16.81 5.80 9.75
C VAL B 135 16.15 4.58 9.20
N GLY B 136 16.65 4.07 8.09
CA GLY B 136 16.10 2.80 7.60
C GLY B 136 16.86 1.59 8.11
N VAL B 137 16.16 0.53 8.47
CA VAL B 137 16.84 -0.70 8.81
C VAL B 137 16.26 -1.84 7.96
N PHE B 138 17.13 -2.57 7.26
CA PHE B 138 16.79 -3.71 6.46
C PHE B 138 17.28 -4.98 7.16
N ASP B 139 16.34 -5.82 7.53
CA ASP B 139 16.70 -7.08 8.07
C ASP B 139 16.56 -8.05 6.92
N ARG B 140 17.72 -8.45 6.40
CA ARG B 140 17.87 -9.02 5.06
C ARG B 140 17.59 -7.90 4.09
N SER B 141 17.90 -8.11 2.82
CA SER B 141 18.02 -6.99 1.90
C SER B 141 18.10 -7.45 0.44
N GLN B 142 18.61 -6.57 -0.41
CA GLN B 142 18.87 -6.92 -1.80
C GLN B 142 19.88 -8.06 -1.95
N TYR B 143 20.66 -8.31 -0.91
CA TYR B 143 21.72 -9.28 -1.00
C TYR B 143 21.20 -10.70 -1.02
N GLU B 144 20.02 -10.94 -0.52
CA GLU B 144 19.47 -12.30 -0.53
C GLU B 144 19.44 -12.91 -1.93
N ASP B 145 19.25 -12.05 -2.91
CA ASP B 145 19.18 -12.48 -4.28
C ASP B 145 20.55 -12.82 -4.89
N VAL B 146 21.63 -12.62 -4.16
CA VAL B 146 22.90 -13.09 -4.62
C VAL B 146 23.52 -14.07 -3.60
N LEU B 147 22.70 -14.55 -2.68
CA LEU B 147 23.16 -15.39 -1.62
C LEU B 147 22.42 -16.73 -1.70
N ILE B 148 21.19 -16.84 -1.20
CA ILE B 148 20.44 -18.07 -1.39
C ILE B 148 20.37 -18.48 -2.88
N HIS B 149 20.26 -17.52 -3.76
CA HIS B 149 20.09 -17.84 -5.16
C HIS B 149 21.39 -18.37 -5.78
N ARG B 150 22.54 -18.13 -5.14
CA ARG B 150 23.79 -18.66 -5.63
C ARG B 150 24.00 -20.04 -5.02
N VAL B 151 23.73 -20.18 -3.73
CA VAL B 151 23.91 -21.47 -3.06
C VAL B 151 23.04 -22.56 -3.68
N HIS B 152 21.81 -22.22 -4.01
CA HIS B 152 20.92 -23.19 -4.62
C HIS B 152 20.89 -23.12 -6.14
N GLY B 153 21.89 -22.47 -6.75
CA GLY B 153 21.96 -22.38 -8.22
C GLY B 153 20.69 -21.89 -8.93
N TRP B 154 19.90 -21.03 -8.29
CA TRP B 154 18.68 -20.46 -8.91
C TRP B 154 18.95 -19.37 -9.96
N ALA B 155 20.16 -18.84 -9.99
CA ALA B 155 20.58 -17.90 -11.03
C ALA B 155 21.97 -18.30 -11.54
N ASP B 156 22.27 -18.02 -12.81
CA ASP B 156 23.54 -18.45 -13.38
C ASP B 156 24.56 -17.34 -13.32
N ALA B 157 25.84 -17.66 -13.49
CA ALA B 157 26.90 -16.65 -13.33
C ALA B 157 26.51 -15.30 -13.95
N ALA B 158 25.95 -15.35 -15.14
CA ALA B 158 25.56 -14.14 -15.87
C ALA B 158 24.53 -13.29 -15.10
N GLU B 159 23.48 -13.93 -14.58
CA GLU B 159 22.41 -13.25 -13.87
C GLU B 159 22.94 -12.75 -12.53
N LEU B 160 23.69 -13.61 -11.87
CA LEU B 160 24.39 -13.20 -10.65
C LEU B 160 25.27 -12.00 -10.92
N GLU B 161 25.94 -12.02 -12.05
CA GLU B 161 26.87 -10.96 -12.32
C GLU B 161 26.14 -9.66 -12.61
N ARG B 162 24.98 -9.70 -13.26
CA ARG B 162 24.24 -8.47 -13.49
C ARG B 162 23.61 -7.91 -12.19
N ARG B 163 23.26 -8.80 -11.26
CA ARG B 163 22.69 -8.37 -9.97
C ARG B 163 23.73 -7.65 -9.10
N TYR B 164 24.94 -8.17 -9.01
CA TYR B 164 25.99 -7.39 -8.35
C TYR B 164 26.03 -5.98 -8.93
N ALA B 165 26.04 -5.89 -10.25
CA ALA B 165 26.14 -4.61 -10.91
C ALA B 165 24.95 -3.75 -10.49
N ALA B 166 23.75 -4.31 -10.54
CA ALA B 166 22.51 -3.62 -10.15
C ALA B 166 22.57 -3.17 -8.68
N ILE B 167 23.14 -4.01 -7.81
CA ILE B 167 23.22 -3.68 -6.40
C ILE B 167 24.10 -2.44 -6.18
N ASN B 168 25.29 -2.44 -6.75
CA ASN B 168 26.20 -1.28 -6.70
C ASN B 168 25.61 0.00 -7.27
N ASP B 169 24.93 -0.08 -8.43
CA ASP B 169 24.33 1.08 -9.08
C ASP B 169 23.21 1.69 -8.17
N PHE B 170 22.35 0.81 -7.67
CA PHE B 170 21.30 1.15 -6.70
C PHE B 170 21.86 1.85 -5.47
N GLU B 171 22.85 1.25 -4.84
CA GLU B 171 23.52 1.82 -3.69
C GLU B 171 24.14 3.15 -4.03
N SER B 172 24.67 3.26 -5.23
CA SER B 172 25.29 4.50 -5.63
C SER B 172 24.17 5.55 -5.82
N ARG B 173 23.04 5.14 -6.35
CA ARG B 173 21.92 6.11 -6.50
C ARG B 173 21.41 6.60 -5.15
N LEU B 174 21.20 5.69 -4.22
CA LEU B 174 20.75 6.08 -2.88
C LEU B 174 21.74 7.01 -2.17
N THR B 175 23.03 6.78 -2.35
CA THR B 175 24.03 7.67 -1.78
C THR B 175 23.97 9.07 -2.38
N GLU B 176 23.81 9.18 -3.68
CA GLU B 176 23.69 10.46 -4.36
C GLU B 176 22.44 11.19 -3.89
N GLN B 177 21.41 10.42 -3.60
CA GLN B 177 20.16 10.99 -3.08
C GLN B 177 20.20 11.42 -1.62
N GLY B 178 21.31 11.18 -0.92
CA GLY B 178 21.47 11.58 0.51
C GLY B 178 21.64 10.48 1.56
N THR B 179 21.57 9.22 1.16
CA THR B 179 21.58 8.10 2.10
C THR B 179 23.03 7.67 2.43
N THR B 180 23.39 7.64 3.72
CA THR B 180 24.60 6.98 4.17
C THR B 180 24.21 5.52 4.39
N ILE B 181 24.89 4.60 3.69
CA ILE B 181 24.53 3.16 3.73
C ILE B 181 25.53 2.45 4.61
N VAL B 182 25.00 1.77 5.63
CA VAL B 182 25.84 1.03 6.58
C VAL B 182 25.55 -0.45 6.47
N LYS B 183 26.49 -1.21 5.88
CA LYS B 183 26.29 -2.66 5.69
C LYS B 183 27.13 -3.49 6.63
N VAL B 184 26.44 -4.44 7.26
CA VAL B 184 26.97 -5.21 8.33
C VAL B 184 26.63 -6.67 8.07
N LEU B 186 26.99 -10.11 10.21
CA LEU B 186 27.29 -10.74 11.48
C LEU B 186 27.81 -12.15 11.20
N ASN B 187 29.03 -12.43 11.65
CA ASN B 187 29.75 -13.64 11.34
C ASN B 187 29.82 -14.52 12.56
N ILE B 188 29.12 -15.65 12.49
CA ILE B 188 29.26 -16.67 13.52
C ILE B 188 29.88 -17.93 12.94
N SER B 189 30.49 -18.73 13.80
CA SER B 189 31.16 -19.92 13.33
C SER B 189 30.11 -20.95 13.16
N LYS B 190 30.37 -21.91 12.30
CA LYS B 190 29.45 -23.05 12.17
C LYS B 190 29.20 -23.80 13.51
N ASP B 191 30.20 -23.87 14.39
CA ASP B 191 29.98 -24.43 15.74
C ASP B 191 29.07 -23.55 16.61
N GLU B 192 29.22 -22.24 16.48
CA GLU B 192 28.43 -21.34 17.32
C GLU B 192 26.95 -21.48 16.94
N GLN B 193 26.72 -21.73 15.67
CA GLN B 193 25.37 -21.96 15.18
C GLN B 193 24.77 -23.20 15.80
N LYS B 194 25.53 -24.29 15.78
CA LYS B 194 25.07 -25.53 16.37
C LYS B 194 24.71 -25.34 17.81
N LYS B 195 25.56 -24.63 18.52
CA LYS B 195 25.41 -24.44 19.95
C LYS B 195 24.09 -23.72 20.17
N ARG B 196 23.80 -22.76 19.31
CA ARG B 196 22.67 -21.90 19.50
C ARG B 196 21.34 -22.60 19.19
N LEU B 197 21.39 -23.57 18.25
CA LEU B 197 20.24 -24.39 17.92
C LEU B 197 19.99 -25.44 19.01
N ILE B 198 21.06 -25.97 19.58
CA ILE B 198 20.93 -26.84 20.75
C ILE B 198 20.25 -26.03 21.84
N ALA B 199 20.80 -24.84 22.14
CA ALA B 199 20.25 -23.97 23.19
C ALA B 199 18.76 -23.69 22.95
N ARG B 200 18.38 -23.56 21.69
CA ARG B 200 16.99 -23.31 21.36
C ARG B 200 16.17 -24.51 21.70
N LEU B 201 16.73 -25.71 21.51
CA LEU B 201 16.03 -26.96 21.85
C LEU B 201 16.05 -27.26 23.36
N ASP B 202 17.17 -26.99 24.02
CA ASP B 202 17.23 -27.11 25.48
C ASP B 202 16.37 -26.15 26.30
N ASP B 203 15.92 -25.05 25.69
CA ASP B 203 15.12 -24.06 26.39
C ASP B 203 13.67 -24.11 25.92
N PRO B 204 12.73 -24.49 26.81
CA PRO B 204 11.35 -24.67 26.34
C PRO B 204 10.71 -23.39 25.90
N SER B 205 11.15 -22.29 26.44
CA SER B 205 10.65 -21.00 26.03
C SER B 205 11.19 -20.59 24.66
N LYS B 206 12.17 -21.32 24.12
CA LYS B 206 12.67 -21.03 22.79
C LYS B 206 12.24 -22.08 21.73
N HIS B 207 11.46 -23.11 22.10
CA HIS B 207 11.02 -24.18 21.16
C HIS B 207 10.21 -23.66 19.98
N TRP B 208 9.40 -22.66 20.25
CA TRP B 208 8.54 -22.09 19.23
C TRP B 208 9.33 -21.47 18.07
N LYS B 209 10.55 -21.04 18.34
CA LYS B 209 11.43 -20.43 17.35
C LYS B 209 12.18 -21.45 16.53
N TYR B 210 12.33 -22.68 17.05
CA TYR B 210 13.19 -23.66 16.38
C TYR B 210 12.58 -24.08 15.06
N SER B 211 13.42 -24.01 14.03
CA SER B 211 13.04 -24.32 12.68
C SER B 211 13.97 -25.35 12.05
N ARG B 212 13.38 -26.39 11.49
CA ARG B 212 14.11 -27.44 10.80
C ARG B 212 14.88 -26.85 9.62
N GLY B 213 14.28 -25.86 8.98
CA GLY B 213 14.92 -25.11 7.93
C GLY B 213 16.32 -24.69 8.27
N ASP B 214 16.63 -24.43 9.54
CA ASP B 214 17.97 -24.00 9.89
C ASP B 214 18.95 -25.13 9.91
N LEU B 215 18.51 -26.26 10.42
CA LEU B 215 19.27 -27.52 10.36
C LEU B 215 19.54 -27.96 8.93
N ALA B 216 18.54 -27.83 8.05
CA ALA B 216 18.73 -28.12 6.62
C ALA B 216 19.89 -27.32 6.06
N GLU B 217 19.90 -26.01 6.32
CA GLU B 217 20.91 -25.15 5.73
C GLU B 217 22.37 -25.32 6.27
N ARG B 218 22.56 -25.90 7.46
CA ARG B 218 23.92 -26.20 7.94
C ARG B 218 24.64 -27.00 6.90
N ALA B 219 23.91 -27.92 6.28
CA ALA B 219 24.47 -28.72 5.18
C ALA B 219 25.15 -27.86 4.09
N TYR B 220 24.71 -26.61 3.91
CA TYR B 220 25.18 -25.72 2.84
C TYR B 220 26.06 -24.56 3.34
N TRP B 221 26.44 -24.64 4.60
CA TRP B 221 27.10 -23.58 5.28
C TRP B 221 28.26 -23.00 4.49
N ASP B 222 29.05 -23.85 3.87
CA ASP B 222 30.24 -23.41 3.21
C ASP B 222 29.96 -22.74 1.89
N ASP B 223 28.91 -23.16 1.21
CA ASP B 223 28.50 -22.50 -0.01
C ASP B 223 28.06 -21.04 0.30
N TYR B 224 27.30 -20.86 1.37
CA TYR B 224 26.95 -19.52 1.88
C TYR B 224 28.16 -18.71 2.18
N ASP B 226 30.91 -18.85 0.84
CA ASP B 226 31.54 -18.51 -0.42
C ASP B 226 30.73 -17.43 -1.12
N ALA B 227 29.40 -17.56 -1.07
CA ALA B 227 28.49 -16.52 -1.62
C ALA B 227 28.74 -15.13 -0.97
N TYR B 228 28.87 -15.12 0.36
CA TYR B 228 29.18 -13.87 1.09
C TYR B 228 30.55 -13.37 0.57
N SER B 229 31.46 -14.31 0.39
CA SER B 229 32.82 -13.92 0.09
C SER B 229 32.81 -13.27 -1.26
N VAL B 230 32.11 -13.89 -2.21
CA VAL B 230 32.03 -13.32 -3.54
C VAL B 230 31.27 -11.98 -3.48
N ALA B 231 30.13 -11.98 -2.77
CA ALA B 231 29.34 -10.78 -2.59
C ALA B 231 30.17 -9.58 -2.10
N PHE B 232 31.06 -9.82 -1.13
CA PHE B 232 31.92 -8.78 -0.58
C PHE B 232 32.95 -8.29 -1.57
N GLU B 233 33.49 -9.21 -2.33
CA GLU B 233 34.49 -8.85 -3.34
C GLU B 233 33.80 -8.01 -4.44
N LYS B 234 32.54 -8.33 -4.72
CA LYS B 234 31.86 -7.68 -5.86
C LYS B 234 31.24 -6.38 -5.45
N THR B 235 30.75 -6.30 -4.20
CA THR B 235 30.01 -5.13 -3.79
C THR B 235 30.57 -4.32 -2.61
N SER B 236 31.81 -4.52 -2.16
CA SER B 236 32.26 -3.66 -1.10
C SER B 236 32.93 -2.44 -1.70
N THR B 237 32.21 -1.35 -1.68
CA THR B 237 32.60 -0.20 -2.44
C THR B 237 32.97 0.93 -1.47
N GLU B 238 33.68 1.91 -2.01
CA GLU B 238 34.10 3.06 -1.24
C GLU B 238 32.90 3.78 -0.65
N ILE B 239 31.82 3.94 -1.42
CA ILE B 239 30.65 4.66 -0.93
C ILE B 239 29.71 3.83 -0.05
N ALA B 240 29.85 2.50 -0.13
CA ALA B 240 29.03 1.59 0.65
C ALA B 240 29.86 0.31 0.98
N PRO B 241 30.84 0.48 1.87
CA PRO B 241 31.71 -0.63 2.23
C PRO B 241 30.96 -1.66 3.05
N TRP B 242 31.46 -2.87 3.02
CA TRP B 242 30.92 -3.92 3.82
C TRP B 242 31.66 -3.92 5.16
N HIS B 243 30.95 -4.32 6.22
CA HIS B 243 31.59 -4.59 7.49
C HIS B 243 31.22 -5.97 7.95
N VAL B 244 32.24 -6.74 8.33
CA VAL B 244 32.05 -8.05 8.83
C VAL B 244 32.38 -7.95 10.31
N VAL B 245 31.35 -8.26 11.09
CA VAL B 245 31.33 -8.13 12.49
C VAL B 245 31.38 -9.50 13.17
N PRO B 246 32.48 -9.81 13.88
CA PRO B 246 32.49 -11.06 14.62
C PRO B 246 31.37 -11.13 15.60
N ALA B 247 30.60 -12.21 15.57
CA ALA B 247 29.31 -12.25 16.28
C ALA B 247 29.12 -13.38 17.25
N ASN B 248 30.14 -14.20 17.47
CA ASN B 248 30.00 -15.28 18.43
C ASN B 248 29.76 -14.70 19.81
N LYS B 249 30.31 -13.53 20.11
CA LYS B 249 29.93 -12.80 21.28
C LYS B 249 28.80 -11.76 20.99
N LYS B 250 27.57 -12.07 21.31
CA LYS B 250 26.44 -11.20 21.01
C LYS B 250 26.69 -9.80 21.53
N TRP B 251 27.17 -9.70 22.78
CA TRP B 251 27.44 -8.39 23.37
C TRP B 251 28.39 -7.54 22.55
N TYR B 252 29.35 -8.19 21.92
CA TYR B 252 30.27 -7.49 21.03
C TYR B 252 29.54 -7.02 19.82
N ALA B 253 28.75 -7.90 19.24
CA ALA B 253 28.12 -7.60 17.95
C ALA B 253 27.20 -6.39 18.14
N ARG B 254 26.55 -6.33 19.31
CA ARG B 254 25.70 -5.21 19.64
C ARG B 254 26.42 -3.88 19.64
N ILE B 255 27.45 -3.73 20.45
CA ILE B 255 28.14 -2.45 20.52
C ILE B 255 28.87 -2.15 19.20
N ALA B 256 29.27 -3.12 18.40
CA ALA B 256 30.01 -2.75 17.15
C ALA B 256 29.05 -2.14 16.13
N VAL B 257 27.90 -2.80 15.97
CA VAL B 257 26.87 -2.30 15.10
C VAL B 257 26.37 -0.91 15.55
N GLN B 258 26.04 -0.73 16.84
CA GLN B 258 25.73 0.63 17.28
C GLN B 258 26.87 1.61 17.09
N GLN B 259 28.08 1.16 17.26
CA GLN B 259 29.18 2.12 17.09
C GLN B 259 29.27 2.54 15.64
N LEU B 260 29.10 1.60 14.70
CA LEU B 260 28.99 1.95 13.29
C LEU B 260 27.89 2.96 13.00
N LEU B 261 26.69 2.74 13.53
CA LEU B 261 25.63 3.69 13.39
C LEU B 261 26.06 5.07 13.88
N LEU B 262 26.58 5.12 15.10
CA LEU B 262 26.99 6.36 15.69
C LEU B 262 28.10 7.06 14.91
N ASP B 263 29.05 6.32 14.34
CA ASP B 263 30.13 7.01 13.68
C ASP B 263 29.61 7.54 12.34
N ALA B 264 28.69 6.83 11.71
CA ALA B 264 28.05 7.28 10.46
C ALA B 264 27.22 8.52 10.68
N LEU B 265 26.37 8.50 11.68
CA LEU B 265 25.56 9.69 11.99
C LEU B 265 26.49 10.82 12.43
N GLY B 266 27.60 10.45 13.08
CA GLY B 266 28.50 11.45 13.62
C GLY B 266 29.20 12.20 12.49
N GLY B 267 29.33 11.54 11.34
CA GLY B 267 29.93 12.10 10.14
C GLY B 267 28.98 12.99 9.36
N LEU B 268 27.67 13.01 9.66
CA LEU B 268 26.74 13.86 8.88
C LEU B 268 26.70 15.30 9.42
N GLN B 269 27.36 15.52 10.54
CA GLN B 269 27.54 16.87 11.09
C GLN B 269 26.20 17.47 11.39
N LEU B 270 25.39 16.72 12.10
CA LEU B 270 24.01 17.10 12.33
C LEU B 270 23.97 18.05 13.50
N ASP B 271 22.99 18.95 13.50
CA ASP B 271 22.69 19.73 14.66
C ASP B 271 21.23 20.11 14.65
N TRP B 272 20.76 20.52 15.83
CA TRP B 272 19.38 20.93 15.99
C TRP B 272 19.11 22.08 15.04
N PRO B 273 17.99 22.03 14.30
CA PRO B 273 17.66 23.15 13.43
C PRO B 273 17.28 24.41 14.21
N LYS B 274 17.55 25.53 13.56
CA LYS B 274 17.26 26.85 14.10
C LYS B 274 15.78 27.15 13.87
N ALA B 275 15.16 27.90 14.78
CA ALA B 275 13.71 28.24 14.60
C ALA B 275 13.48 29.00 13.31
N ASP B 276 12.45 28.61 12.56
CA ASP B 276 12.06 29.42 11.39
C ASP B 276 10.87 30.41 11.69
N PHE B 277 10.90 31.02 12.87
CA PHE B 277 9.92 31.95 13.31
C PHE B 277 10.62 32.70 14.37
N ASP B 278 10.08 33.81 14.86
CA ASP B 278 10.78 34.59 15.89
C ASP B 278 10.44 34.06 17.31
N VAL B 279 11.47 33.61 18.02
CA VAL B 279 11.24 32.88 19.19
C VAL B 279 10.81 33.85 20.27
N ALA B 280 11.55 34.92 20.44
CA ALA B 280 11.16 35.87 21.50
C ALA B 280 9.68 36.30 21.40
N ALA B 281 9.21 36.53 20.16
CA ALA B 281 7.85 36.97 19.97
C ALA B 281 6.87 35.81 20.18
N GLU B 282 7.23 34.62 19.76
CA GLU B 282 6.35 33.49 20.04
C GLU B 282 6.26 33.29 21.55
N ARG B 283 7.36 33.40 22.27
CA ARG B 283 7.27 33.26 23.75
C ARG B 283 6.22 34.19 24.40
N ALA B 284 6.23 35.47 24.00
CA ALA B 284 5.32 36.46 24.52
C ALA B 284 3.90 36.10 24.18
N LEU B 285 3.68 35.64 22.96
CA LEU B 285 2.34 35.24 22.59
C LEU B 285 1.90 34.13 23.53
N VAL B 286 2.79 33.19 23.82
CA VAL B 286 2.45 32.05 24.64
C VAL B 286 2.27 32.53 26.02
N VAL B 287 3.10 33.44 26.49
CA VAL B 287 2.91 33.93 27.86
C VAL B 287 1.54 34.60 28.02
N GLU B 288 1.07 35.28 26.98
CA GLU B 288 -0.23 35.95 27.01
C GLU B 288 -1.46 35.07 26.71
N SER B 289 -1.29 33.84 26.24
CA SER B 289 -2.40 32.88 25.97
C SER B 289 -3.01 32.12 27.21
N ALA C 9 -33.09 -0.31 -30.79
CA ALA C 9 -32.82 -0.47 -29.32
C ALA C 9 -33.96 -1.27 -28.65
N VAL C 10 -33.90 -2.61 -28.62
CA VAL C 10 -34.90 -3.38 -27.85
C VAL C 10 -34.51 -3.40 -26.37
N GLU C 11 -35.38 -2.88 -25.52
CA GLU C 11 -35.11 -2.70 -24.09
C GLU C 11 -35.80 -3.80 -23.30
N PHE C 12 -35.48 -3.82 -22.01
CA PHE C 12 -36.12 -4.70 -21.05
C PHE C 12 -37.63 -4.41 -20.93
N ALA C 13 -38.42 -5.48 -21.12
CA ALA C 13 -39.85 -5.48 -20.84
C ALA C 13 -40.09 -5.27 -19.35
N LYS C 14 -39.61 -6.17 -18.50
CA LYS C 14 -39.62 -6.03 -17.03
C LYS C 14 -38.16 -5.78 -16.56
N SER C 15 -37.98 -5.02 -15.47
CA SER C 15 -36.63 -4.69 -15.03
C SER C 15 -35.97 -5.91 -14.37
N PRO C 16 -34.71 -6.14 -14.68
CA PRO C 16 -34.03 -7.25 -14.06
C PRO C 16 -34.02 -7.19 -12.53
N ALA C 17 -34.08 -6.01 -11.92
CA ALA C 17 -34.18 -5.90 -10.49
C ALA C 17 -35.47 -6.54 -9.92
N GLU C 18 -36.44 -6.81 -10.79
CA GLU C 18 -37.69 -7.40 -10.39
C GLU C 18 -37.53 -8.91 -10.66
N VAL C 19 -37.38 -9.26 -11.93
CA VAL C 19 -37.39 -10.65 -12.36
C VAL C 19 -36.16 -11.49 -11.95
N LEU C 20 -35.02 -10.82 -11.75
CA LEU C 20 -33.80 -11.54 -11.40
C LEU C 20 -33.50 -11.55 -9.93
N ARG C 21 -34.26 -10.82 -9.15
CA ARG C 21 -34.04 -10.66 -7.71
C ARG C 21 -34.22 -11.96 -6.94
N VAL C 22 -33.57 -12.05 -5.78
CA VAL C 22 -33.70 -13.21 -4.90
C VAL C 22 -34.60 -12.84 -3.73
N GLY C 23 -35.89 -13.10 -3.85
CA GLY C 23 -36.81 -12.86 -2.74
C GLY C 23 -37.31 -14.09 -1.98
N SER C 24 -38.41 -13.88 -1.28
CA SER C 24 -39.00 -14.85 -0.39
C SER C 24 -39.13 -16.26 -0.99
N GLY C 25 -39.76 -16.38 -2.14
CA GLY C 25 -39.93 -17.72 -2.73
C GLY C 25 -38.76 -18.43 -3.44
N PHE C 26 -37.54 -17.94 -3.32
CA PHE C 26 -36.51 -18.26 -4.31
C PHE C 26 -35.93 -19.69 -4.26
N SER C 27 -35.73 -20.26 -5.45
CA SER C 27 -35.07 -21.55 -5.56
C SER C 27 -34.05 -21.52 -6.69
N LEU C 28 -32.75 -21.64 -6.40
CA LEU C 28 -31.75 -21.73 -7.50
C LEU C 28 -32.11 -22.81 -8.52
N ALA C 29 -32.71 -23.88 -8.05
CA ALA C 29 -33.00 -25.01 -8.91
C ALA C 29 -34.02 -24.63 -9.97
N GLY C 30 -34.84 -23.62 -9.69
CA GLY C 30 -35.85 -23.19 -10.64
C GLY C 30 -35.39 -22.13 -11.65
N VAL C 31 -34.12 -21.73 -11.56
CA VAL C 31 -33.59 -20.74 -12.47
C VAL C 31 -33.15 -21.51 -13.69
N ASP C 32 -33.60 -21.07 -14.86
CA ASP C 32 -33.21 -21.68 -16.09
C ASP C 32 -32.06 -20.86 -16.68
N PRO C 33 -30.84 -21.41 -16.74
CA PRO C 33 -29.67 -20.68 -17.22
C PRO C 33 -29.67 -20.32 -18.69
N GLU C 34 -30.55 -20.95 -19.44
CA GLU C 34 -30.84 -20.63 -20.84
C GLU C 34 -31.91 -19.55 -21.04
N SER C 35 -32.59 -19.09 -19.99
CA SER C 35 -33.62 -18.10 -20.19
C SER C 35 -33.02 -16.71 -20.29
N THR C 36 -33.83 -15.77 -20.73
CA THR C 36 -33.45 -14.37 -20.76
C THR C 36 -34.57 -13.57 -20.05
N PRO C 37 -34.72 -13.74 -18.75
CA PRO C 37 -35.79 -13.08 -18.02
C PRO C 37 -35.91 -11.57 -18.22
N GLY C 38 -37.15 -11.15 -18.44
CA GLY C 38 -37.47 -9.76 -18.56
C GLY C 38 -37.17 -9.21 -19.94
N TYR C 39 -36.58 -10.06 -20.79
CA TYR C 39 -36.22 -9.68 -22.14
C TYR C 39 -36.94 -10.55 -23.18
N THR C 40 -37.38 -9.90 -24.23
CA THR C 40 -38.19 -10.51 -25.27
C THR C 40 -37.50 -10.42 -26.62
N GLY C 41 -36.33 -9.82 -26.69
CA GLY C 41 -35.54 -9.79 -27.92
C GLY C 41 -34.59 -10.97 -28.03
N VAL C 42 -33.84 -11.04 -29.14
CA VAL C 42 -32.93 -12.15 -29.40
C VAL C 42 -31.49 -11.61 -29.51
N LYS C 43 -30.52 -12.50 -29.73
CA LYS C 43 -29.14 -12.10 -29.67
C LYS C 43 -28.83 -10.73 -30.31
N ALA C 44 -29.27 -10.49 -31.55
CA ALA C 44 -28.97 -9.24 -32.30
C ALA C 44 -29.57 -7.98 -31.61
N ASP C 45 -30.70 -8.16 -30.96
CA ASP C 45 -31.32 -7.10 -30.17
C ASP C 45 -30.56 -6.77 -28.87
N GLY C 46 -30.12 -7.83 -28.17
CA GLY C 46 -29.29 -7.66 -26.97
C GLY C 46 -27.99 -6.98 -27.30
N LYS C 47 -27.45 -7.25 -28.50
CA LYS C 47 -26.13 -6.74 -28.90
C LYS C 47 -26.19 -5.26 -29.22
N ALA C 48 -27.35 -4.80 -29.68
CA ALA C 48 -27.50 -3.38 -29.92
C ALA C 48 -27.90 -2.68 -28.62
N LEU C 49 -28.62 -3.36 -27.73
CA LEU C 49 -29.02 -2.76 -26.47
C LEU C 49 -27.75 -2.49 -25.69
N LEU C 50 -26.82 -3.45 -25.72
CA LEU C 50 -25.51 -3.25 -25.05
C LEU C 50 -24.80 -1.99 -25.53
N ALA C 51 -24.75 -1.81 -26.84
CA ALA C 51 -24.06 -0.66 -27.40
C ALA C 51 -24.70 0.63 -26.81
N ALA C 52 -26.05 0.67 -26.77
CA ALA C 52 -26.78 1.76 -26.13
C ALA C 52 -26.43 1.84 -24.63
N GLN C 53 -26.57 0.73 -23.90
CA GLN C 53 -26.22 0.71 -22.47
C GLN C 53 -24.83 1.27 -22.16
N ASP C 54 -23.83 1.01 -23.01
CA ASP C 54 -22.45 1.52 -22.72
C ASP C 54 -22.40 3.05 -22.61
N ALA C 55 -23.03 3.72 -23.57
CA ALA C 55 -23.12 5.18 -23.61
C ALA C 55 -23.87 5.70 -22.40
N ARG C 56 -24.91 5.00 -21.96
CA ARG C 56 -25.65 5.43 -20.78
C ARG C 56 -24.79 5.22 -19.54
N LEU C 57 -24.04 4.13 -19.52
CA LEU C 57 -23.25 3.84 -18.35
C LEU C 57 -22.17 4.90 -18.21
N ALA C 58 -21.56 5.28 -19.32
CA ALA C 58 -20.54 6.31 -19.33
C ALA C 58 -21.05 7.64 -18.70
N GLU C 59 -22.29 8.00 -19.01
CA GLU C 59 -22.79 9.28 -18.58
C GLU C 59 -23.14 9.22 -17.12
N LEU C 60 -23.81 8.16 -16.68
CA LEU C 60 -24.22 8.06 -15.30
C LEU C 60 -23.00 7.96 -14.36
N GLN C 61 -21.97 7.20 -14.77
CA GLN C 61 -20.76 7.07 -13.98
C GLN C 61 -20.04 8.41 -13.86
N GLU C 62 -19.94 9.14 -14.96
CA GLU C 62 -19.28 10.46 -14.94
C GLU C 62 -20.04 11.43 -14.03
N LYS C 63 -21.36 11.39 -14.08
CA LYS C 63 -22.18 12.17 -13.13
C LYS C 63 -21.90 11.74 -11.71
N LEU C 64 -21.87 10.44 -11.45
CA LEU C 64 -21.56 9.98 -10.09
C LEU C 64 -20.28 10.60 -9.57
N PHE C 65 -19.28 10.54 -10.41
CA PHE C 65 -17.97 11.05 -10.12
C PHE C 65 -17.98 12.55 -9.93
N ALA C 66 -18.55 13.30 -10.88
CA ALA C 66 -18.69 14.76 -10.69
C ALA C 66 -19.37 15.06 -9.37
N GLU C 67 -20.43 14.35 -9.01
CA GLU C 67 -21.10 14.66 -7.77
C GLU C 67 -20.19 14.38 -6.60
N GLY C 68 -19.38 13.35 -6.74
CA GLY C 68 -18.48 12.98 -5.68
C GLY C 68 -17.44 14.06 -5.48
N LYS C 69 -16.87 14.54 -6.59
CA LYS C 69 -15.86 15.59 -6.57
C LYS C 69 -16.39 16.82 -5.82
N PHE C 70 -17.70 17.04 -5.87
CA PHE C 70 -18.33 18.18 -5.23
C PHE C 70 -18.98 17.84 -3.88
N GLY C 71 -18.63 16.71 -3.29
CA GLY C 71 -18.99 16.39 -1.92
C GLY C 71 -20.23 15.54 -1.76
N ASN C 72 -20.69 14.87 -2.82
CA ASN C 72 -21.75 13.88 -2.65
C ASN C 72 -21.17 12.57 -2.04
N PRO C 73 -21.82 11.95 -1.05
CA PRO C 73 -21.22 10.72 -0.53
C PRO C 73 -21.62 9.44 -1.30
N LYS C 74 -22.43 9.57 -2.34
CA LYS C 74 -22.93 8.40 -3.02
C LYS C 74 -21.84 7.67 -3.81
N ARG C 75 -21.89 6.36 -3.74
CA ARG C 75 -21.06 5.52 -4.59
C ARG C 75 -21.75 4.18 -4.90
N LEU C 76 -21.10 3.35 -5.69
CA LEU C 76 -21.69 2.13 -6.12
C LEU C 76 -20.70 0.99 -6.02
N LEU C 77 -21.17 -0.18 -5.64
CA LEU C 77 -20.29 -1.35 -5.58
C LEU C 77 -21.01 -2.47 -6.32
N LEU C 78 -20.37 -3.00 -7.37
CA LEU C 78 -20.92 -4.11 -8.09
C LEU C 78 -20.17 -5.33 -7.60
N ILE C 79 -20.87 -6.34 -7.10
CA ILE C 79 -20.22 -7.58 -6.66
C ILE C 79 -20.65 -8.68 -7.60
N LEU C 80 -19.67 -9.36 -8.20
CA LEU C 80 -19.94 -10.41 -9.12
C LEU C 80 -19.42 -11.71 -8.63
N GLN C 81 -20.27 -12.72 -8.53
CA GLN C 81 -19.80 -14.08 -8.21
C GLN C 81 -20.16 -15.01 -9.34
N ALA C 82 -19.39 -16.04 -9.57
CA ALA C 82 -19.71 -17.06 -10.55
C ALA C 82 -18.72 -18.22 -10.56
N ASP C 84 -16.10 -20.69 -12.48
CA ASP C 84 -15.20 -20.43 -13.59
C ASP C 84 -15.89 -20.85 -14.88
N THR C 85 -15.51 -20.15 -15.94
CA THR C 85 -16.09 -20.35 -17.26
C THR C 85 -17.36 -19.57 -17.56
N ALA C 86 -17.92 -18.99 -16.51
CA ALA C 86 -19.26 -18.42 -16.58
C ALA C 86 -19.31 -17.00 -17.11
N GLY C 87 -18.19 -16.41 -17.48
CA GLY C 87 -18.19 -15.11 -18.16
C GLY C 87 -17.84 -13.88 -17.30
N LYS C 88 -17.58 -14.10 -16.03
CA LYS C 88 -17.40 -13.02 -15.02
C LYS C 88 -16.29 -12.00 -15.41
N GLY C 89 -15.10 -12.48 -15.74
CA GLY C 89 -14.03 -11.61 -16.22
C GLY C 89 -14.40 -10.83 -17.45
N GLY C 90 -14.99 -11.49 -18.41
CA GLY C 90 -15.49 -10.84 -19.60
C GLY C 90 -16.47 -9.75 -19.28
N ILE C 91 -17.45 -10.03 -18.42
CA ILE C 91 -18.39 -9.01 -18.05
C ILE C 91 -17.75 -7.85 -17.27
N VAL C 92 -16.84 -8.17 -16.36
CA VAL C 92 -16.12 -7.12 -15.68
C VAL C 92 -15.33 -6.27 -16.69
N SER C 93 -14.69 -6.94 -17.64
CA SER C 93 -13.93 -6.23 -18.63
C SER C 93 -14.85 -5.22 -19.34
N HIS C 94 -16.03 -5.65 -19.72
CA HIS C 94 -16.82 -4.85 -20.60
C HIS C 94 -17.45 -3.68 -19.86
N VAL C 95 -17.96 -3.94 -18.66
CA VAL C 95 -18.54 -2.91 -17.82
C VAL C 95 -17.49 -1.87 -17.44
N VAL C 96 -16.35 -2.31 -16.98
CA VAL C 96 -15.28 -1.33 -16.69
C VAL C 96 -14.85 -0.53 -17.93
N GLY C 97 -14.87 -1.16 -19.11
CA GLY C 97 -14.42 -0.49 -20.32
C GLY C 97 -15.43 0.55 -20.83
N ALA C 98 -16.67 0.48 -20.34
CA ALA C 98 -17.68 1.37 -20.73
C ALA C 98 -17.48 2.64 -19.90
N ASP C 100 -14.97 5.50 -17.38
CA ASP C 100 -13.65 6.11 -17.32
C ASP C 100 -12.87 5.42 -16.20
N PRO C 101 -11.70 4.88 -16.48
CA PRO C 101 -11.10 4.07 -15.46
C PRO C 101 -10.66 4.87 -14.22
N GLN C 102 -10.59 6.18 -14.31
CA GLN C 102 -10.27 6.94 -13.08
C GLN C 102 -11.46 7.13 -12.17
N GLY C 103 -12.64 6.70 -12.66
CA GLY C 103 -13.84 6.70 -11.87
C GLY C 103 -14.17 5.32 -11.33
N VAL C 104 -13.32 4.32 -11.59
CA VAL C 104 -13.58 2.92 -11.23
C VAL C 104 -12.55 2.34 -10.29
N GLN C 105 -12.96 1.55 -9.29
CA GLN C 105 -11.99 0.78 -8.43
C GLN C 105 -12.27 -0.69 -8.54
N LEU C 106 -11.49 -1.37 -9.36
CA LEU C 106 -11.73 -2.80 -9.59
C LEU C 106 -10.78 -3.61 -8.72
N THR C 107 -11.31 -4.60 -7.99
CA THR C 107 -10.46 -5.54 -7.30
C THR C 107 -10.86 -6.95 -7.70
N ALA C 108 -9.90 -7.76 -8.14
CA ALA C 108 -10.18 -9.16 -8.40
C ALA C 108 -9.59 -9.90 -7.22
N PHE C 109 -10.40 -10.32 -6.25
CA PHE C 109 -9.87 -11.04 -5.07
C PHE C 109 -9.43 -12.44 -5.40
N LYS C 110 -8.21 -12.74 -4.98
CA LYS C 110 -7.63 -14.07 -5.09
C LYS C 110 -7.48 -14.81 -3.71
N ALA C 111 -6.74 -15.91 -3.67
CA ALA C 111 -6.54 -16.62 -2.43
C ALA C 111 -5.82 -15.69 -1.44
N PRO C 112 -6.24 -15.70 -0.17
CA PRO C 112 -5.64 -14.85 0.81
C PRO C 112 -4.14 -15.08 0.97
N THR C 113 -3.40 -13.98 1.09
CA THR C 113 -2.03 -14.05 1.54
C THR C 113 -2.00 -14.43 2.99
N ASP C 114 -0.82 -14.79 3.46
CA ASP C 114 -0.63 -15.08 4.89
C ASP C 114 -0.97 -13.85 5.76
N GLU C 115 -0.61 -12.65 5.31
CA GLU C 115 -0.97 -11.47 6.07
C GLU C 115 -2.50 -11.41 6.22
N GLU C 116 -3.19 -11.58 5.11
CA GLU C 116 -4.62 -11.61 5.11
C GLU C 116 -5.21 -12.72 5.97
N LYS C 117 -4.67 -13.94 5.92
CA LYS C 117 -5.21 -15.09 6.73
C LYS C 117 -5.05 -14.80 8.24
N SER C 118 -4.16 -13.90 8.61
CA SER C 118 -4.02 -13.57 10.02
C SER C 118 -4.95 -12.40 10.47
N HIS C 119 -5.91 -12.02 9.67
CA HIS C 119 -6.90 -11.03 10.04
C HIS C 119 -8.28 -11.60 9.86
N ASP C 120 -9.30 -10.91 10.26
CA ASP C 120 -10.64 -11.36 9.96
C ASP C 120 -10.90 -11.32 8.45
N PHE C 121 -11.80 -12.17 7.96
CA PHE C 121 -11.99 -12.36 6.53
C PHE C 121 -12.38 -11.09 5.79
N LEU C 122 -13.04 -10.18 6.49
CA LEU C 122 -13.49 -8.90 5.89
C LEU C 122 -12.45 -7.82 5.87
N TRP C 123 -11.41 -7.94 6.64
CA TRP C 123 -10.39 -6.88 6.70
C TRP C 123 -9.87 -6.49 5.32
N ARG C 124 -9.56 -7.49 4.54
CA ARG C 124 -9.02 -7.26 3.25
C ARG C 124 -10.08 -6.78 2.26
N ILE C 125 -11.36 -7.01 2.55
CA ILE C 125 -12.43 -6.63 1.64
C ILE C 125 -12.73 -5.16 1.85
N GLU C 126 -12.82 -4.83 3.13
CA GLU C 126 -12.96 -3.46 3.65
C GLU C 126 -11.94 -2.45 3.06
N LYS C 127 -10.69 -2.88 2.96
CA LYS C 127 -9.65 -2.10 2.34
C LYS C 127 -10.04 -1.59 0.98
N GLN C 128 -10.81 -2.37 0.20
CA GLN C 128 -11.01 -2.09 -1.20
C GLN C 128 -12.38 -1.49 -1.59
N VAL C 129 -13.22 -1.17 -0.61
CA VAL C 129 -14.56 -0.68 -0.91
C VAL C 129 -14.42 0.69 -1.57
N PRO C 130 -15.41 1.12 -2.37
CA PRO C 130 -15.19 2.30 -3.19
C PRO C 130 -15.32 3.57 -2.38
N ALA C 131 -14.51 4.55 -2.70
CA ALA C 131 -14.64 5.93 -2.26
C ALA C 131 -15.90 6.65 -2.83
N ALA C 132 -16.31 7.74 -2.17
CA ALA C 132 -17.28 8.72 -2.72
C ALA C 132 -17.11 8.93 -4.18
N GLY C 133 -18.16 8.78 -4.95
CA GLY C 133 -18.07 9.13 -6.34
C GLY C 133 -17.55 8.09 -7.28
N VAL C 135 -17.20 4.00 -8.80
CA VAL C 135 -17.87 2.72 -8.97
C VAL C 135 -16.88 1.67 -8.59
N GLY C 136 -17.17 0.89 -7.56
CA GLY C 136 -16.28 -0.20 -7.17
C GLY C 136 -16.76 -1.46 -7.85
N VAL C 137 -15.85 -2.25 -8.38
CA VAL C 137 -16.24 -3.60 -8.88
C VAL C 137 -15.41 -4.67 -8.20
N PHE C 138 -16.10 -5.61 -7.58
CA PHE C 138 -15.47 -6.78 -6.93
C PHE C 138 -15.68 -7.99 -7.84
N ASP C 139 -14.60 -8.43 -8.52
CA ASP C 139 -14.59 -9.70 -9.21
C ASP C 139 -14.17 -10.77 -8.19
N ARG C 140 -15.20 -11.52 -7.75
CA ARG C 140 -15.20 -12.29 -6.49
C ARG C 140 -15.16 -11.31 -5.33
N SER C 141 -15.33 -11.79 -4.10
CA SER C 141 -15.67 -10.93 -3.01
C SER C 141 -15.72 -11.70 -1.71
N GLN C 142 -16.28 -11.07 -0.68
CA GLN C 142 -16.51 -11.67 0.64
C GLN C 142 -17.29 -13.00 0.60
N TYR C 143 -18.02 -13.24 -0.48
CA TYR C 143 -18.79 -14.43 -0.57
C TYR C 143 -17.93 -15.63 -0.73
N GLU C 144 -16.73 -15.46 -1.31
CA GLU C 144 -15.86 -16.59 -1.46
C GLU C 144 -15.66 -17.26 -0.12
N ASP C 145 -15.68 -16.49 0.96
CA ASP C 145 -15.43 -17.02 2.29
C ASP C 145 -16.58 -17.80 2.96
N VAL C 146 -17.69 -17.92 2.28
CA VAL C 146 -18.75 -18.78 2.69
C VAL C 146 -19.06 -19.82 1.56
N LEU C 147 -18.10 -20.01 0.65
CA LEU C 147 -18.14 -21.11 -0.32
C LEU C 147 -17.15 -22.21 0.08
N ILE C 148 -17.13 -23.31 -0.65
CA ILE C 148 -16.70 -24.56 -0.03
C ILE C 148 -15.18 -24.63 0.23
N HIS C 149 -14.41 -23.90 -0.56
CA HIS C 149 -12.94 -24.05 -0.58
C HIS C 149 -12.21 -23.32 0.59
N ARG C 150 -12.89 -22.42 1.31
CA ARG C 150 -12.31 -21.82 2.53
C ARG C 150 -13.14 -22.11 3.82
N VAL C 151 -14.16 -22.93 3.66
CA VAL C 151 -14.81 -23.53 4.80
C VAL C 151 -14.08 -24.86 5.06
N HIS C 152 -13.98 -25.23 6.33
CA HIS C 152 -13.77 -26.63 6.78
C HIS C 152 -15.17 -27.33 6.85
N GLY C 153 -15.94 -27.22 5.75
CA GLY C 153 -17.37 -27.56 5.70
C GLY C 153 -18.17 -26.92 6.81
N TRP C 154 -19.20 -27.63 7.27
CA TRP C 154 -19.99 -27.22 8.44
C TRP C 154 -19.57 -27.93 9.78
N ALA C 155 -18.31 -28.34 9.90
CA ALA C 155 -17.78 -28.89 11.15
C ALA C 155 -17.74 -27.87 12.30
N ASP C 156 -17.47 -26.59 11.93
CA ASP C 156 -17.80 -25.42 12.76
C ASP C 156 -18.74 -24.55 11.95
N ALA C 157 -20.03 -24.81 12.19
CA ALA C 157 -21.13 -24.14 11.57
C ALA C 157 -21.38 -22.80 12.27
N ALA C 158 -20.93 -22.69 13.51
CA ALA C 158 -20.99 -21.43 14.22
C ALA C 158 -20.14 -20.34 13.45
N GLU C 159 -19.03 -20.75 12.83
CA GLU C 159 -18.15 -19.81 12.14
C GLU C 159 -18.85 -19.25 10.90
N LEU C 160 -19.42 -20.16 10.13
CA LEU C 160 -20.22 -19.82 8.97
C LEU C 160 -21.40 -18.89 9.25
N GLU C 161 -22.14 -19.19 10.30
CA GLU C 161 -23.27 -18.41 10.67
C GLU C 161 -22.78 -17.06 11.04
N ARG C 162 -21.66 -17.01 11.75
CA ARG C 162 -21.06 -15.75 12.11
C ARG C 162 -20.74 -14.92 10.83
N ARG C 163 -20.30 -15.60 9.80
CA ARG C 163 -19.87 -14.94 8.60
C ARG C 163 -20.99 -14.36 7.80
N TYR C 164 -22.08 -15.10 7.65
CA TYR C 164 -23.22 -14.58 6.94
C TYR C 164 -23.62 -13.29 7.65
N ALA C 165 -23.62 -13.33 8.97
CA ALA C 165 -24.07 -12.17 9.75
C ALA C 165 -23.08 -11.01 9.65
N ALA C 166 -21.78 -11.32 9.66
CA ALA C 166 -20.74 -10.36 9.40
C ALA C 166 -20.99 -9.69 8.03
N ILE C 167 -21.38 -10.48 7.02
CA ILE C 167 -21.50 -9.97 5.67
C ILE C 167 -22.66 -8.99 5.65
N ASN C 168 -23.76 -9.33 6.30
CA ASN C 168 -24.91 -8.44 6.36
C ASN C 168 -24.56 -7.16 7.05
N ASP C 169 -23.85 -7.22 8.20
CA ASP C 169 -23.52 -6.01 8.92
C ASP C 169 -22.60 -5.10 8.07
N PHE C 170 -21.62 -5.72 7.43
CA PHE C 170 -20.75 -5.04 6.52
C PHE C 170 -21.50 -4.34 5.40
N GLU C 171 -22.42 -5.03 4.77
CA GLU C 171 -23.12 -4.45 3.66
C GLU C 171 -24.03 -3.36 4.23
N SER C 172 -24.53 -3.56 5.45
CA SER C 172 -25.36 -2.52 6.06
C SER C 172 -24.55 -1.25 6.38
N ARG C 173 -23.35 -1.40 6.94
CA ARG C 173 -22.49 -0.25 7.14
C ARG C 173 -22.18 0.47 5.80
N LEU C 174 -21.78 -0.28 4.76
CA LEU C 174 -21.40 0.35 3.50
C LEU C 174 -22.57 1.20 2.94
N THR C 175 -23.79 0.76 3.16
CA THR C 175 -24.95 1.40 2.63
C THR C 175 -25.29 2.63 3.45
N GLU C 176 -25.19 2.49 4.75
CA GLU C 176 -25.23 3.65 5.62
C GLU C 176 -24.20 4.73 5.19
N GLN C 177 -22.99 4.34 4.82
CA GLN C 177 -21.96 5.29 4.34
C GLN C 177 -22.23 5.89 2.94
N GLY C 178 -23.27 5.41 2.27
CA GLY C 178 -23.60 5.91 0.90
C GLY C 178 -23.43 4.99 -0.31
N THR C 179 -23.12 3.69 -0.08
CA THR C 179 -22.87 2.76 -1.18
C THR C 179 -24.14 2.08 -1.62
N THR C 180 -24.47 2.14 -2.91
CA THR C 180 -25.46 1.22 -3.41
C THR C 180 -24.76 -0.05 -3.81
N ILE C 181 -25.15 -1.17 -3.19
CA ILE C 181 -24.51 -2.48 -3.45
C ILE C 181 -25.36 -3.31 -4.41
N VAL C 182 -24.82 -3.57 -5.59
CA VAL C 182 -25.47 -4.39 -6.61
C VAL C 182 -24.82 -5.75 -6.63
N LYS C 183 -25.50 -6.83 -6.25
CA LYS C 183 -24.85 -8.15 -6.11
C LYS C 183 -25.37 -9.09 -7.18
N VAL C 184 -24.48 -9.64 -7.99
CA VAL C 184 -24.92 -10.52 -9.09
C VAL C 184 -24.16 -11.83 -9.04
N LEU C 186 -23.69 -14.93 -11.74
CA LEU C 186 -23.90 -15.44 -13.07
C LEU C 186 -24.10 -16.95 -12.93
N ASN C 187 -25.16 -17.46 -13.51
CA ASN C 187 -25.54 -18.83 -13.26
C ASN C 187 -25.54 -19.57 -14.58
N ILE C 188 -24.66 -20.55 -14.75
CA ILE C 188 -24.65 -21.38 -15.93
C ILE C 188 -24.95 -22.84 -15.50
N SER C 189 -25.45 -23.63 -16.46
CA SER C 189 -25.63 -25.06 -16.22
C SER C 189 -24.29 -25.81 -16.17
N LYS C 190 -24.34 -26.98 -15.58
CA LYS C 190 -23.18 -27.87 -15.53
C LYS C 190 -22.78 -28.27 -16.93
N ASP C 191 -23.74 -28.53 -17.83
CA ASP C 191 -23.40 -28.88 -19.22
C ASP C 191 -22.73 -27.74 -19.96
N GLU C 192 -23.21 -26.52 -19.76
CA GLU C 192 -22.55 -25.35 -20.34
C GLU C 192 -21.12 -25.21 -19.85
N GLN C 193 -20.89 -25.51 -18.59
CA GLN C 193 -19.52 -25.44 -18.07
C GLN C 193 -18.62 -26.44 -18.88
N LYS C 194 -19.12 -27.67 -19.10
CA LYS C 194 -18.36 -28.66 -19.84
C LYS C 194 -18.01 -28.14 -21.23
N LYS C 195 -19.03 -27.59 -21.90
CA LYS C 195 -18.88 -27.08 -23.22
C LYS C 195 -17.77 -26.02 -23.28
N ARG C 196 -17.79 -25.09 -22.34
CA ARG C 196 -16.81 -24.03 -22.33
C ARG C 196 -15.39 -24.50 -21.99
N LEU C 197 -15.26 -25.43 -21.06
CA LEU C 197 -13.95 -26.08 -20.83
C LEU C 197 -13.44 -26.75 -22.09
N ILE C 198 -14.25 -27.59 -22.71
CA ILE C 198 -13.82 -28.26 -23.91
C ILE C 198 -13.43 -27.28 -24.99
N ALA C 199 -14.20 -26.21 -25.14
CA ALA C 199 -13.84 -25.14 -26.07
C ALA C 199 -12.49 -24.54 -25.72
N ARG C 200 -12.18 -24.40 -24.44
CA ARG C 200 -10.87 -23.96 -24.09
C ARG C 200 -9.81 -24.93 -24.57
N LEU C 201 -10.03 -26.23 -24.37
CA LEU C 201 -9.09 -27.22 -24.90
C LEU C 201 -9.05 -27.26 -26.44
N ASP C 202 -10.15 -26.93 -27.14
CA ASP C 202 -10.14 -27.05 -28.61
C ASP C 202 -9.60 -25.80 -29.35
N ASP C 203 -9.32 -24.74 -28.60
CA ASP C 203 -8.87 -23.52 -29.18
C ASP C 203 -7.46 -23.25 -28.62
N PRO C 204 -6.45 -23.43 -29.48
CA PRO C 204 -5.07 -23.29 -29.00
C PRO C 204 -4.82 -21.91 -28.40
N SER C 205 -5.58 -20.91 -28.85
CA SER C 205 -5.40 -19.59 -28.27
C SER C 205 -5.97 -19.50 -26.82
N LYS C 206 -6.65 -20.53 -26.34
CA LYS C 206 -7.20 -20.55 -24.98
C LYS C 206 -6.47 -21.53 -24.02
N HIS C 207 -5.50 -22.29 -24.54
CA HIS C 207 -4.82 -23.30 -23.73
C HIS C 207 -4.22 -22.72 -22.45
N TRP C 208 -3.70 -21.50 -22.60
CA TRP C 208 -3.06 -20.79 -21.53
C TRP C 208 -4.00 -20.57 -20.38
N LYS C 209 -5.27 -20.56 -20.69
CA LYS C 209 -6.30 -20.16 -19.78
C LYS C 209 -6.86 -21.35 -19.02
N TYR C 210 -6.60 -22.59 -19.46
CA TYR C 210 -7.29 -23.78 -18.93
C TYR C 210 -6.73 -24.15 -17.55
N SER C 211 -7.58 -24.54 -16.64
CA SER C 211 -7.18 -24.87 -15.31
C SER C 211 -7.82 -26.19 -14.91
N ARG C 212 -6.99 -27.15 -14.51
CA ARG C 212 -7.41 -28.44 -13.91
C ARG C 212 -8.33 -28.19 -12.72
N GLY C 213 -8.06 -27.09 -12.03
CA GLY C 213 -8.92 -26.63 -10.96
C GLY C 213 -10.38 -26.66 -11.34
N ASP C 214 -10.71 -26.25 -12.55
CA ASP C 214 -12.14 -26.12 -12.89
C ASP C 214 -12.84 -27.47 -13.05
N LEU C 215 -12.08 -28.49 -13.35
CA LEU C 215 -12.59 -29.86 -13.44
C LEU C 215 -12.89 -30.37 -12.05
N ALA C 216 -12.11 -29.94 -11.06
CA ALA C 216 -12.45 -30.16 -9.65
C ALA C 216 -13.74 -29.42 -9.30
N GLU C 217 -13.86 -28.16 -9.67
CA GLU C 217 -15.15 -27.51 -9.52
C GLU C 217 -16.26 -28.48 -10.03
N ARG C 218 -16.04 -29.23 -11.11
CA ARG C 218 -17.17 -30.04 -11.62
C ARG C 218 -17.63 -31.08 -10.63
N ALA C 219 -16.66 -31.73 -10.02
CA ALA C 219 -16.92 -32.81 -9.10
C ALA C 219 -17.81 -32.36 -7.96
N TYR C 220 -17.62 -31.09 -7.55
CA TYR C 220 -18.27 -30.51 -6.41
C TYR C 220 -19.34 -29.50 -6.83
N TRP C 221 -19.84 -29.63 -8.08
CA TRP C 221 -20.79 -28.65 -8.67
C TRP C 221 -22.02 -28.47 -7.87
N ASP C 222 -22.68 -29.56 -7.55
CA ASP C 222 -23.90 -29.48 -6.75
C ASP C 222 -23.59 -28.86 -5.38
N ASP C 223 -22.43 -29.19 -4.79
CA ASP C 223 -22.07 -28.63 -3.50
C ASP C 223 -21.89 -27.11 -3.57
N TYR C 224 -21.36 -26.60 -4.68
CA TYR C 224 -21.25 -25.15 -4.91
C TYR C 224 -22.63 -24.53 -5.10
N ASP C 226 -25.38 -25.58 -3.81
CA ASP C 226 -26.01 -25.52 -2.47
C ASP C 226 -25.41 -24.40 -1.63
N ALA C 227 -24.11 -24.19 -1.70
CA ALA C 227 -23.47 -23.17 -0.88
C ALA C 227 -24.01 -21.80 -1.36
N TYR C 228 -24.13 -21.60 -2.66
CA TYR C 228 -24.67 -20.36 -3.14
C TYR C 228 -26.13 -20.18 -2.69
N SER C 229 -26.97 -21.22 -2.78
CA SER C 229 -28.33 -21.10 -2.28
C SER C 229 -28.42 -20.66 -0.83
N VAL C 230 -27.61 -21.25 0.03
CA VAL C 230 -27.67 -20.91 1.45
C VAL C 230 -27.25 -19.47 1.56
N ALA C 231 -26.22 -19.09 0.83
CA ALA C 231 -25.76 -17.75 0.83
C ALA C 231 -26.91 -16.76 0.45
N PHE C 232 -27.61 -17.07 -0.63
CA PHE C 232 -28.70 -16.22 -1.05
C PHE C 232 -29.81 -16.17 0.04
N GLU C 233 -30.21 -17.30 0.60
CA GLU C 233 -31.22 -17.29 1.67
C GLU C 233 -30.80 -16.35 2.83
N LYS C 234 -29.53 -16.46 3.24
CA LYS C 234 -29.03 -15.78 4.40
C LYS C 234 -28.59 -14.30 4.22
N THR C 235 -28.28 -13.88 2.98
CA THR C 235 -27.73 -12.55 2.73
C THR C 235 -28.45 -11.70 1.64
N SER C 236 -29.51 -12.19 1.00
CA SER C 236 -30.40 -11.35 0.19
C SER C 236 -31.31 -10.54 1.06
N THR C 237 -30.92 -9.29 1.27
CA THR C 237 -31.58 -8.36 2.16
C THR C 237 -32.23 -7.24 1.33
N GLU C 238 -33.09 -6.49 1.96
CA GLU C 238 -33.73 -5.37 1.32
C GLU C 238 -32.74 -4.30 0.85
N ILE C 239 -31.68 -4.08 1.59
CA ILE C 239 -30.72 -3.05 1.22
C ILE C 239 -29.65 -3.56 0.27
N ALA C 240 -29.45 -4.88 0.22
CA ALA C 240 -28.46 -5.51 -0.64
C ALA C 240 -29.02 -6.87 -1.21
N PRO C 241 -30.06 -6.78 -2.03
CA PRO C 241 -30.62 -8.00 -2.56
C PRO C 241 -29.63 -8.72 -3.47
N TRP C 242 -29.72 -10.06 -3.54
CA TRP C 242 -29.06 -10.82 -4.63
C TRP C 242 -29.89 -10.87 -5.90
N HIS C 243 -29.20 -10.85 -7.03
CA HIS C 243 -29.77 -11.15 -8.33
C HIS C 243 -29.01 -12.32 -8.95
N VAL C 244 -29.73 -13.27 -9.54
CA VAL C 244 -29.15 -14.40 -10.17
C VAL C 244 -29.42 -14.27 -11.64
N VAL C 245 -28.37 -14.27 -12.44
CA VAL C 245 -28.47 -13.96 -13.84
C VAL C 245 -28.23 -15.18 -14.68
N PRO C 246 -29.25 -15.72 -15.35
CA PRO C 246 -28.95 -16.76 -16.31
C PRO C 246 -27.84 -16.33 -17.24
N ALA C 247 -26.86 -17.18 -17.46
CA ALA C 247 -25.65 -16.74 -18.16
C ALA C 247 -25.18 -17.74 -19.19
N ASN C 248 -25.98 -18.76 -19.52
CA ASN C 248 -25.57 -19.60 -20.64
C ASN C 248 -25.51 -18.77 -21.93
N LYS C 249 -26.31 -17.70 -22.02
CA LYS C 249 -26.23 -16.81 -23.16
C LYS C 249 -25.46 -15.59 -22.73
N LYS C 250 -24.20 -15.52 -23.15
CA LYS C 250 -23.35 -14.48 -22.66
C LYS C 250 -23.96 -13.10 -22.93
N TRP C 251 -24.48 -12.93 -24.14
CA TRP C 251 -25.07 -11.69 -24.58
C TRP C 251 -26.12 -11.22 -23.63
N TYR C 252 -26.91 -12.14 -23.07
CA TYR C 252 -27.97 -11.76 -22.11
C TYR C 252 -27.36 -11.40 -20.75
N ALA C 253 -26.41 -12.18 -20.29
CA ALA C 253 -25.77 -11.87 -19.01
C ALA C 253 -25.19 -10.44 -19.09
N ARG C 254 -24.62 -10.08 -20.23
CA ARG C 254 -23.99 -8.77 -20.37
C ARG C 254 -25.03 -7.68 -20.26
N ILE C 255 -26.14 -7.82 -20.97
CA ILE C 255 -27.18 -6.77 -20.88
C ILE C 255 -27.92 -6.76 -19.56
N ALA C 256 -28.04 -7.92 -18.91
CA ALA C 256 -28.67 -7.96 -17.57
C ALA C 256 -27.81 -7.25 -16.50
N VAL C 257 -26.49 -7.43 -16.55
CA VAL C 257 -25.63 -6.91 -15.51
C VAL C 257 -25.63 -5.40 -15.70
N GLN C 258 -25.45 -4.92 -16.93
CA GLN C 258 -25.42 -3.47 -17.09
C GLN C 258 -26.71 -2.82 -16.74
N GLN C 259 -27.78 -3.52 -17.03
CA GLN C 259 -29.09 -2.92 -16.75
C GLN C 259 -29.29 -2.81 -15.27
N LEU C 260 -28.79 -3.76 -14.49
CA LEU C 260 -28.90 -3.68 -13.04
C LEU C 260 -28.17 -2.45 -12.54
N LEU C 261 -26.99 -2.28 -13.05
CA LEU C 261 -26.14 -1.17 -12.78
C LEU C 261 -26.76 0.18 -13.23
N LEU C 262 -27.35 0.21 -14.43
CA LEU C 262 -28.03 1.43 -14.90
C LEU C 262 -29.17 1.79 -14.02
N ASP C 263 -29.95 0.79 -13.66
CA ASP C 263 -31.07 1.04 -12.82
C ASP C 263 -30.65 1.50 -11.42
N ALA C 264 -29.53 1.01 -10.89
CA ALA C 264 -29.15 1.36 -9.56
C ALA C 264 -28.62 2.81 -9.57
N LEU C 265 -27.74 3.12 -10.50
CA LEU C 265 -27.28 4.50 -10.70
C LEU C 265 -28.45 5.46 -10.90
N GLY C 266 -29.41 5.05 -11.71
CA GLY C 266 -30.57 5.84 -12.07
C GLY C 266 -31.36 6.22 -10.85
N GLY C 267 -31.40 5.32 -9.86
CA GLY C 267 -32.10 5.56 -8.59
C GLY C 267 -31.39 6.53 -7.64
N LEU C 268 -30.14 6.85 -7.91
CA LEU C 268 -29.42 7.80 -7.08
C LEU C 268 -29.79 9.25 -7.49
N GLN C 269 -30.48 9.45 -8.61
CA GLN C 269 -30.95 10.76 -8.99
C GLN C 269 -29.76 11.71 -9.13
N LEU C 270 -28.78 11.29 -9.91
CA LEU C 270 -27.60 12.09 -10.16
C LEU C 270 -27.86 13.20 -11.16
N ASP C 271 -27.20 14.34 -11.01
CA ASP C 271 -27.02 15.34 -12.04
C ASP C 271 -25.65 15.91 -12.07
N TRP C 272 -25.32 16.63 -13.12
CA TRP C 272 -24.10 17.42 -13.22
C TRP C 272 -24.13 18.52 -12.17
N PRO C 273 -23.03 18.71 -11.43
CA PRO C 273 -22.93 19.79 -10.50
C PRO C 273 -23.02 21.15 -11.14
N LYS C 274 -23.59 22.07 -10.38
CA LYS C 274 -23.73 23.43 -10.83
C LYS C 274 -22.45 24.15 -10.45
N ALA C 275 -21.98 25.02 -11.34
CA ALA C 275 -20.79 25.86 -11.10
C ALA C 275 -21.09 26.81 -9.96
N ASP C 276 -20.18 26.88 -8.99
CA ASP C 276 -20.29 27.83 -7.87
C ASP C 276 -19.44 29.08 -8.15
N PHE C 277 -19.71 29.74 -9.29
CA PHE C 277 -18.98 30.93 -9.74
C PHE C 277 -19.62 31.51 -11.00
N ASP C 278 -19.29 32.76 -11.29
CA ASP C 278 -19.87 33.47 -12.43
C ASP C 278 -19.28 32.91 -13.73
N VAL C 279 -20.07 32.03 -14.35
CA VAL C 279 -19.69 31.45 -15.60
C VAL C 279 -19.38 32.54 -16.64
N ALA C 280 -20.22 33.56 -16.71
CA ALA C 280 -20.08 34.59 -17.74
C ALA C 280 -18.79 35.38 -17.58
N ALA C 281 -18.45 35.68 -16.32
CA ALA C 281 -17.24 36.46 -16.02
C ALA C 281 -16.01 35.63 -16.39
N GLU C 282 -15.97 34.39 -15.94
CA GLU C 282 -14.86 33.53 -16.26
C GLU C 282 -14.71 33.40 -17.78
N ARG C 283 -15.81 33.18 -18.50
CA ARG C 283 -15.73 33.05 -19.97
C ARG C 283 -15.05 34.28 -20.60
N ALA C 284 -15.42 35.48 -20.15
CA ALA C 284 -14.84 36.75 -20.63
C ALA C 284 -13.37 36.79 -20.34
N LEU C 285 -13.03 36.42 -19.12
CA LEU C 285 -11.65 36.32 -18.67
C LEU C 285 -10.87 35.32 -19.57
N VAL C 286 -11.52 34.23 -19.96
CA VAL C 286 -10.84 33.26 -20.84
C VAL C 286 -10.68 33.85 -22.23
N VAL C 287 -11.70 34.57 -22.68
CA VAL C 287 -11.66 35.13 -24.02
C VAL C 287 -10.49 36.09 -24.17
N GLU C 288 -10.14 36.81 -23.10
CA GLU C 288 -9.07 37.84 -23.12
C GLU C 288 -7.66 37.27 -22.94
N SER C 289 -7.56 36.08 -22.32
CA SER C 289 -6.32 35.26 -22.36
C SER C 289 -6.03 34.74 -23.79
N ALA D 9 11.89 -2.37 44.09
CA ALA D 9 10.84 -2.59 43.04
C ALA D 9 9.41 -2.26 43.58
N VAL D 10 9.07 -0.96 43.70
CA VAL D 10 7.78 -0.54 44.30
C VAL D 10 6.65 -0.55 43.26
N GLU D 11 5.68 -1.42 43.50
CA GLU D 11 4.65 -1.77 42.54
C GLU D 11 3.40 -0.94 42.77
N PHE D 12 2.43 -1.06 41.87
CA PHE D 12 1.16 -0.40 42.05
C PHE D 12 0.46 -1.06 43.22
N ALA D 13 -0.11 -0.23 44.08
CA ALA D 13 -0.88 -0.67 45.25
C ALA D 13 -2.30 -1.07 44.90
N LYS D 14 -2.92 -0.31 44.02
CA LYS D 14 -4.21 -0.65 43.39
C LYS D 14 -3.95 -0.64 41.90
N SER D 15 -4.57 -1.55 41.15
CA SER D 15 -4.26 -1.59 39.71
C SER D 15 -4.94 -0.43 38.93
N PRO D 16 -4.20 0.15 37.97
CA PRO D 16 -4.68 1.26 37.18
C PRO D 16 -5.98 0.93 36.50
N ALA D 17 -6.24 -0.35 36.24
CA ALA D 17 -7.50 -0.75 35.61
C ALA D 17 -8.71 -0.36 36.47
N GLU D 18 -8.53 -0.34 37.78
CA GLU D 18 -9.59 -0.05 38.74
C GLU D 18 -9.64 1.45 38.89
N VAL D 19 -8.52 2.01 39.29
CA VAL D 19 -8.51 3.38 39.74
C VAL D 19 -8.65 4.44 38.59
N LEU D 20 -8.14 4.12 37.39
CA LEU D 20 -8.11 5.06 36.28
C LEU D 20 -9.24 4.86 35.28
N ARG D 21 -10.11 3.89 35.53
CA ARG D 21 -11.10 3.61 34.52
C ARG D 21 -12.25 4.64 34.55
N VAL D 22 -12.86 4.79 33.39
CA VAL D 22 -13.98 5.66 33.21
C VAL D 22 -15.21 4.82 33.35
N GLY D 23 -15.80 4.87 34.53
CA GLY D 23 -17.01 4.11 34.79
C GLY D 23 -18.19 5.04 34.98
N SER D 24 -19.27 4.54 35.58
CA SER D 24 -20.40 5.43 35.82
C SER D 24 -20.09 6.50 36.89
N GLY D 25 -20.62 7.70 36.64
CA GLY D 25 -20.34 8.85 37.47
C GLY D 25 -18.93 9.38 37.33
N PHE D 26 -18.26 9.07 36.21
CA PHE D 26 -16.93 9.61 35.99
C PHE D 26 -17.09 11.05 35.53
N SER D 27 -16.38 11.93 36.21
CA SER D 27 -16.19 13.29 35.76
C SER D 27 -14.71 13.56 35.42
N LEU D 28 -14.45 13.95 34.18
CA LEU D 28 -13.12 14.43 33.76
C LEU D 28 -12.65 15.59 34.58
N ALA D 29 -13.52 16.57 34.85
CA ALA D 29 -13.18 17.71 35.76
C ALA D 29 -12.78 17.24 37.16
N GLY D 30 -13.32 16.08 37.54
CA GLY D 30 -12.90 15.36 38.75
C GLY D 30 -11.44 15.00 38.77
N VAL D 31 -10.88 14.56 37.65
CA VAL D 31 -9.49 14.06 37.66
C VAL D 31 -8.49 15.17 38.01
N ASP D 32 -7.51 14.82 38.85
CA ASP D 32 -6.41 15.66 39.24
C ASP D 32 -5.10 15.30 38.50
N PRO D 33 -4.69 16.13 37.54
CA PRO D 33 -3.56 15.82 36.64
C PRO D 33 -2.22 15.62 37.33
N GLU D 34 -2.11 16.17 38.54
CA GLU D 34 -0.92 16.07 39.37
C GLU D 34 -0.91 14.79 40.24
N SER D 35 -2.03 14.08 40.35
CA SER D 35 -2.09 12.84 41.14
C SER D 35 -1.39 11.67 40.48
N THR D 36 -1.24 10.60 41.26
CA THR D 36 -0.61 9.39 40.79
C THR D 36 -1.44 8.28 41.33
N PRO D 37 -2.67 8.18 40.86
CA PRO D 37 -3.59 7.25 41.48
C PRO D 37 -3.11 5.79 41.47
N GLY D 38 -3.31 5.15 42.62
CA GLY D 38 -2.93 3.78 42.83
C GLY D 38 -1.46 3.60 43.10
N TYR D 39 -0.70 4.68 43.15
CA TYR D 39 0.73 4.57 43.34
C TYR D 39 1.15 5.43 44.48
N THR D 40 1.98 4.86 45.35
CA THR D 40 2.47 5.49 46.57
C THR D 40 4.00 5.70 46.55
N GLY D 41 4.70 5.27 45.51
CA GLY D 41 6.13 5.54 45.41
C GLY D 41 6.34 6.95 44.92
N VAL D 42 7.62 7.32 44.75
CA VAL D 42 7.97 8.65 44.26
C VAL D 42 8.68 8.50 42.91
N LYS D 43 8.93 9.61 42.22
CA LYS D 43 9.59 9.56 40.91
C LYS D 43 10.68 8.48 40.85
N ALA D 44 11.57 8.45 41.84
CA ALA D 44 12.70 7.52 41.81
C ALA D 44 12.24 6.06 41.83
N ASP D 45 11.17 5.79 42.57
CA ASP D 45 10.47 4.49 42.61
C ASP D 45 9.85 4.14 41.23
N GLY D 46 9.30 5.16 40.58
CA GLY D 46 8.73 5.04 39.25
C GLY D 46 9.77 4.69 38.23
N LYS D 47 10.93 5.33 38.32
CA LYS D 47 12.02 5.03 37.41
C LYS D 47 12.42 3.55 37.57
N ALA D 48 12.45 3.07 38.80
CA ALA D 48 12.77 1.66 39.07
C ALA D 48 11.67 0.73 38.52
N LEU D 49 10.40 1.05 38.77
CA LEU D 49 9.33 0.19 38.29
C LEU D 49 9.34 0.05 36.78
N LEU D 50 9.76 1.12 36.11
CA LEU D 50 9.65 1.15 34.66
C LEU D 50 10.67 0.21 34.07
N ALA D 51 11.86 0.17 34.64
CA ALA D 51 12.87 -0.77 34.18
C ALA D 51 12.32 -2.22 34.29
N ALA D 52 11.70 -2.55 35.43
CA ALA D 52 11.15 -3.90 35.65
C ALA D 52 9.99 -4.19 34.69
N GLN D 53 9.11 -3.21 34.49
CA GLN D 53 7.99 -3.36 33.59
C GLN D 53 8.49 -3.63 32.18
N ASP D 54 9.54 -2.98 31.74
CA ASP D 54 10.10 -3.28 30.40
C ASP D 54 10.44 -4.75 30.14
N ALA D 55 11.08 -5.42 31.11
CA ALA D 55 11.41 -6.84 30.97
C ALA D 55 10.12 -7.68 30.93
N ARG D 56 9.12 -7.31 31.73
CA ARG D 56 7.86 -8.08 31.78
C ARG D 56 7.09 -7.96 30.50
N LEU D 57 7.18 -6.77 29.93
CA LEU D 57 6.50 -6.48 28.73
C LEU D 57 7.18 -7.21 27.61
N ALA D 58 8.52 -7.21 27.57
CA ALA D 58 9.23 -7.94 26.50
C ALA D 58 8.78 -9.41 26.52
N GLU D 59 8.64 -9.95 27.72
CA GLU D 59 8.36 -11.35 27.85
C GLU D 59 6.96 -11.65 27.39
N LEU D 60 6.01 -10.87 27.87
CA LEU D 60 4.61 -11.11 27.55
C LEU D 60 4.34 -10.85 26.09
N GLN D 61 4.89 -9.78 25.53
CA GLN D 61 4.69 -9.57 24.10
C GLN D 61 5.23 -10.72 23.29
N GLU D 62 6.38 -11.27 23.67
CA GLU D 62 6.99 -12.32 22.89
C GLU D 62 6.13 -13.53 22.92
N LYS D 63 5.50 -13.77 24.07
CA LYS D 63 4.56 -14.91 24.19
C LYS D 63 3.39 -14.73 23.27
N LEU D 64 2.77 -13.54 23.28
CA LEU D 64 1.64 -13.29 22.40
C LEU D 64 2.00 -13.61 20.98
N PHE D 65 3.17 -13.16 20.58
CA PHE D 65 3.62 -13.36 19.22
C PHE D 65 3.75 -14.84 18.91
N ALA D 66 4.44 -15.56 19.78
CA ALA D 66 4.69 -17.01 19.63
C ALA D 66 3.37 -17.76 19.54
N GLU D 67 2.48 -17.43 20.44
CA GLU D 67 1.14 -18.02 20.43
C GLU D 67 0.44 -17.75 19.12
N GLY D 68 0.64 -16.58 18.58
CA GLY D 68 0.05 -16.28 17.28
C GLY D 68 0.67 -17.03 16.12
N LYS D 69 2.00 -17.20 16.13
CA LYS D 69 2.68 -18.04 15.14
C LYS D 69 2.13 -19.50 15.14
N PHE D 70 1.68 -19.99 16.30
CA PHE D 70 1.03 -21.31 16.44
C PHE D 70 -0.53 -21.27 16.44
N GLY D 71 -1.09 -20.30 15.72
CA GLY D 71 -2.54 -20.27 15.46
C GLY D 71 -3.49 -19.56 16.42
N ASN D 72 -2.99 -18.96 17.50
CA ASN D 72 -3.85 -18.28 18.46
C ASN D 72 -4.29 -16.96 17.89
N PRO D 73 -5.59 -16.68 17.95
CA PRO D 73 -6.14 -15.49 17.35
C PRO D 73 -5.99 -14.22 18.19
N LYS D 74 -5.44 -14.31 19.38
CA LYS D 74 -5.40 -13.16 20.23
C LYS D 74 -4.38 -12.13 19.81
N ARG D 75 -4.74 -10.89 20.10
CA ARG D 75 -3.87 -9.77 19.83
C ARG D 75 -4.28 -8.64 20.72
N LEU D 76 -3.49 -7.58 20.71
CA LEU D 76 -3.77 -6.42 21.54
C LEU D 76 -3.68 -5.07 20.77
N LEU D 77 -4.57 -4.14 21.07
CA LEU D 77 -4.57 -2.79 20.46
C LEU D 77 -4.51 -1.71 21.55
N LEU D 78 -3.37 -0.98 21.62
CA LEU D 78 -3.21 0.15 22.57
C LEU D 78 -3.53 1.42 21.81
N ILE D 79 -4.52 2.16 22.30
CA ILE D 79 -4.95 3.44 21.72
C ILE D 79 -4.60 4.53 22.71
N LEU D 80 -3.82 5.50 22.26
CA LEU D 80 -3.38 6.65 23.04
C LEU D 80 -3.96 7.95 22.44
N GLN D 81 -4.63 8.73 23.26
CA GLN D 81 -5.11 10.06 22.91
C GLN D 81 -4.58 11.02 23.93
N ALA D 82 -4.19 12.23 23.50
CA ALA D 82 -3.82 13.28 24.44
C ALA D 82 -3.67 14.56 23.68
N ASP D 84 -1.46 17.78 22.53
CA ASP D 84 -0.05 17.97 22.26
C ASP D 84 0.66 18.45 23.51
N THR D 85 1.91 18.03 23.63
CA THR D 85 2.71 18.32 24.78
C THR D 85 2.53 17.32 25.97
N ALA D 86 1.48 16.52 25.94
CA ALA D 86 1.13 15.66 27.09
C ALA D 86 2.05 14.44 27.20
N GLY D 87 2.81 14.13 26.14
CA GLY D 87 3.89 13.13 26.25
C GLY D 87 3.53 11.81 25.59
N LYS D 88 2.58 11.86 24.65
CA LYS D 88 2.06 10.68 24.03
C LYS D 88 3.14 9.99 23.17
N GLY D 89 3.99 10.78 22.50
CA GLY D 89 4.95 10.25 21.59
C GLY D 89 6.06 9.58 22.36
N GLY D 90 6.43 10.18 23.48
CA GLY D 90 7.51 9.68 24.30
C GLY D 90 7.03 8.34 24.84
N ILE D 91 5.83 8.29 25.37
CA ILE D 91 5.29 7.05 25.86
C ILE D 91 5.16 5.99 24.74
N VAL D 92 4.64 6.34 23.57
CA VAL D 92 4.61 5.37 22.50
C VAL D 92 6.03 4.89 22.24
N SER D 93 6.99 5.77 22.32
CA SER D 93 8.35 5.40 21.96
C SER D 93 8.95 4.42 22.93
N HIS D 94 8.61 4.62 24.19
CA HIS D 94 9.21 3.80 25.23
C HIS D 94 8.64 2.39 25.22
N VAL D 95 7.31 2.32 25.24
CA VAL D 95 6.56 1.08 25.19
C VAL D 95 6.92 0.25 23.98
N VAL D 96 6.93 0.89 22.83
CA VAL D 96 7.31 0.17 21.63
C VAL D 96 8.77 -0.31 21.68
N GLY D 97 9.63 0.43 22.35
CA GLY D 97 11.04 0.00 22.50
C GLY D 97 11.31 -1.14 23.50
N ALA D 98 10.39 -1.37 24.42
CA ALA D 98 10.53 -2.49 25.28
C ALA D 98 10.11 -3.76 24.54
N ASP D 100 9.65 -6.26 20.89
CA ASP D 100 10.37 -6.58 19.69
C ASP D 100 9.63 -5.95 18.53
N PRO D 101 10.28 -5.07 17.81
CA PRO D 101 9.60 -4.36 16.72
C PRO D 101 8.92 -5.27 15.73
N GLN D 102 9.42 -6.48 15.51
CA GLN D 102 8.69 -7.42 14.63
C GLN D 102 7.32 -7.95 15.19
N GLY D 103 7.04 -7.70 16.46
CA GLY D 103 5.74 -8.01 17.01
C GLY D 103 4.81 -6.82 17.25
N VAL D 104 5.20 -5.64 16.73
CA VAL D 104 4.47 -4.40 16.87
C VAL D 104 4.07 -3.80 15.54
N GLN D 105 2.81 -3.38 15.46
CA GLN D 105 2.29 -2.62 14.34
C GLN D 105 1.93 -1.22 14.91
N LEU D 106 2.84 -0.27 14.76
CA LEU D 106 2.56 1.07 15.27
C LEU D 106 1.96 1.93 14.16
N THR D 107 0.83 2.59 14.43
CA THR D 107 0.38 3.66 13.49
C THR D 107 0.17 5.00 14.19
N ALA D 108 0.77 6.07 13.64
CA ALA D 108 0.56 7.41 14.18
C ALA D 108 -0.30 8.12 13.18
N PHE D 109 -1.61 8.21 13.47
CA PHE D 109 -2.53 8.76 12.49
C PHE D 109 -2.36 10.26 12.43
N LYS D 110 -2.32 10.80 11.23
CA LYS D 110 -2.17 12.19 11.05
C LYS D 110 -3.41 12.72 10.35
N ALA D 111 -3.35 13.96 9.89
CA ALA D 111 -4.45 14.58 9.16
C ALA D 111 -4.77 13.70 7.96
N PRO D 112 -6.03 13.47 7.70
CA PRO D 112 -6.49 12.68 6.58
C PRO D 112 -5.99 13.15 5.23
N THR D 113 -5.49 12.21 4.46
CA THR D 113 -5.21 12.51 3.05
C THR D 113 -6.54 12.67 2.29
N ASP D 114 -6.46 13.10 1.03
CA ASP D 114 -7.70 13.31 0.22
C ASP D 114 -8.41 12.02 -0.08
N GLU D 115 -7.65 10.96 -0.39
CA GLU D 115 -8.20 9.58 -0.49
C GLU D 115 -8.98 9.22 0.76
N GLU D 116 -8.37 9.47 1.91
CA GLU D 116 -8.97 9.20 3.20
C GLU D 116 -10.18 10.05 3.50
N LYS D 117 -10.17 11.33 3.10
CA LYS D 117 -11.36 12.18 3.34
C LYS D 117 -12.57 11.70 2.53
N SER D 118 -12.36 11.01 1.41
CA SER D 118 -13.47 10.56 0.57
C SER D 118 -13.99 9.13 0.90
N HIS D 119 -13.48 8.57 1.97
CA HIS D 119 -14.02 7.35 2.58
C HIS D 119 -14.60 7.70 3.94
N ASP D 120 -15.38 6.77 4.52
CA ASP D 120 -15.84 6.86 5.90
C ASP D 120 -14.64 6.91 6.87
N PHE D 121 -14.77 7.68 7.94
CA PHE D 121 -13.68 7.84 8.86
C PHE D 121 -12.98 6.55 9.42
N LEU D 122 -13.69 5.42 9.51
CA LEU D 122 -13.13 4.22 10.10
C LEU D 122 -12.34 3.44 9.10
N TRP D 123 -12.48 3.78 7.83
CA TRP D 123 -11.83 3.06 6.76
C TRP D 123 -10.33 2.97 6.97
N ARG D 124 -9.72 4.11 7.17
CA ARG D 124 -8.27 4.14 7.29
C ARG D 124 -7.81 3.52 8.61
N ILE D 125 -8.70 3.48 9.59
CA ILE D 125 -8.39 2.87 10.86
C ILE D 125 -8.51 1.35 10.72
N GLU D 126 -9.56 0.87 10.07
CA GLU D 126 -9.69 -0.56 9.93
C GLU D 126 -8.46 -1.16 9.27
N LYS D 127 -7.82 -0.44 8.36
CA LYS D 127 -6.68 -0.99 7.62
C LYS D 127 -5.54 -1.32 8.51
N GLN D 128 -5.43 -0.66 9.65
CA GLN D 128 -4.23 -0.72 10.50
C GLN D 128 -4.41 -1.55 11.79
N VAL D 129 -5.57 -2.19 11.98
CA VAL D 129 -5.76 -2.94 13.19
C VAL D 129 -4.77 -4.08 13.20
N PRO D 130 -4.44 -4.61 14.37
CA PRO D 130 -3.31 -5.57 14.35
C PRO D 130 -3.73 -6.93 13.97
N ALA D 131 -2.77 -7.65 13.42
CA ALA D 131 -2.96 -9.06 13.09
C ALA D 131 -2.80 -9.86 14.35
N ALA D 132 -3.14 -11.14 14.23
CA ALA D 132 -2.95 -12.15 15.27
C ALA D 132 -1.53 -12.18 15.82
N GLY D 133 -1.38 -12.21 17.14
CA GLY D 133 -0.07 -12.25 17.78
C GLY D 133 0.68 -10.92 17.80
N VAL D 135 0.92 -6.67 18.85
CA VAL D 135 0.49 -5.56 19.69
C VAL D 135 0.37 -4.36 18.73
N GLY D 136 -0.85 -3.90 18.51
CA GLY D 136 -1.03 -2.74 17.68
C GLY D 136 -1.01 -1.52 18.58
N VAL D 137 -0.26 -0.49 18.24
CA VAL D 137 -0.27 0.79 18.99
C VAL D 137 -0.80 1.93 18.11
N PHE D 138 -1.83 2.59 18.56
CA PHE D 138 -2.39 3.71 17.84
C PHE D 138 -1.99 5.02 18.55
N ASP D 139 -1.13 5.81 17.91
CA ASP D 139 -0.85 7.16 18.36
C ASP D 139 -1.85 8.05 17.64
N ARG D 140 -2.86 8.50 18.41
CA ARG D 140 -4.11 9.00 17.86
C ARG D 140 -4.76 7.85 17.14
N SER D 141 -6.05 8.02 16.86
CA SER D 141 -6.95 6.93 16.61
C SER D 141 -8.27 7.41 16.00
N GLN D 142 -9.25 6.50 15.89
CA GLN D 142 -10.60 6.86 15.47
C GLN D 142 -11.21 7.99 16.30
N TYR D 143 -10.68 8.20 17.48
CA TYR D 143 -11.23 9.22 18.34
C TYR D 143 -10.99 10.65 17.90
N GLU D 144 -9.99 10.89 17.06
CA GLU D 144 -9.75 12.21 16.54
C GLU D 144 -10.97 12.67 15.81
N ASP D 145 -11.68 11.73 15.23
CA ASP D 145 -12.79 12.02 14.35
C ASP D 145 -14.02 12.32 15.13
N VAL D 146 -13.86 12.47 16.43
CA VAL D 146 -14.95 12.85 17.27
C VAL D 146 -14.50 14.02 18.16
N LEU D 147 -13.36 14.62 17.80
CA LEU D 147 -12.88 15.84 18.44
C LEU D 147 -13.06 17.02 17.49
N ILE D 148 -13.00 18.22 18.05
CA ILE D 148 -13.51 19.45 17.39
C ILE D 148 -12.88 19.78 16.01
N HIS D 149 -11.67 19.31 15.78
CA HIS D 149 -10.92 19.70 14.56
C HIS D 149 -11.26 18.83 13.34
N ARG D 150 -12.06 17.78 13.53
CA ARG D 150 -12.56 17.01 12.36
C ARG D 150 -14.06 17.17 12.16
N VAL D 151 -14.81 17.27 13.26
CA VAL D 151 -16.28 17.24 13.20
C VAL D 151 -16.91 17.76 14.49
N TRP D 154 -22.92 21.71 14.56
CA TRP D 154 -24.33 21.51 14.18
C TRP D 154 -24.64 20.77 12.85
N ALA D 155 -24.09 21.24 11.72
CA ALA D 155 -24.12 20.45 10.46
C ALA D 155 -23.41 19.07 10.62
N ASP D 156 -22.66 18.92 11.71
CA ASP D 156 -22.02 17.68 12.09
C ASP D 156 -22.72 16.94 13.26
N ALA D 157 -23.84 17.45 13.81
CA ALA D 157 -24.43 16.86 15.02
C ALA D 157 -24.89 15.39 14.84
N ALA D 158 -25.55 15.15 13.71
CA ALA D 158 -26.14 13.86 13.40
C ALA D 158 -25.01 12.85 13.21
N GLU D 159 -23.96 13.28 12.49
CA GLU D 159 -22.78 12.47 12.23
C GLU D 159 -22.04 12.19 13.56
N LEU D 160 -21.87 13.20 14.39
CA LEU D 160 -21.18 13.00 15.64
C LEU D 160 -21.81 11.80 16.34
N GLU D 161 -23.14 11.78 16.43
CA GLU D 161 -23.82 10.72 17.15
C GLU D 161 -23.60 9.36 16.46
N ARG D 162 -23.57 9.40 15.14
CA ARG D 162 -23.34 8.21 14.33
C ARG D 162 -21.94 7.69 14.61
N ARG D 163 -21.00 8.58 14.77
CA ARG D 163 -19.62 8.22 14.87
C ARG D 163 -19.37 7.52 16.16
N TYR D 164 -20.01 7.98 17.22
CA TYR D 164 -19.87 7.28 18.49
C TYR D 164 -20.40 5.83 18.37
N ALA D 165 -21.51 5.67 17.65
CA ALA D 165 -22.17 4.35 17.55
C ALA D 165 -21.28 3.45 16.71
N ALA D 166 -20.70 4.07 15.69
CA ALA D 166 -19.85 3.37 14.73
C ALA D 166 -18.56 2.86 15.39
N ILE D 167 -18.01 3.66 16.31
CA ILE D 167 -16.80 3.34 17.07
C ILE D 167 -17.07 2.18 18.05
N ASN D 168 -18.20 2.24 18.77
CA ASN D 168 -18.54 1.13 19.69
C ASN D 168 -18.71 -0.19 18.91
N ASP D 169 -19.37 -0.12 17.75
CA ASP D 169 -19.62 -1.31 16.96
C ASP D 169 -18.30 -1.81 16.43
N PHE D 170 -17.39 -0.90 16.13
CA PHE D 170 -16.08 -1.22 15.62
C PHE D 170 -15.20 -1.91 16.68
N GLU D 171 -15.20 -1.38 17.88
CA GLU D 171 -14.38 -1.98 18.95
C GLU D 171 -14.97 -3.37 19.35
N SER D 172 -16.26 -3.51 19.16
CA SER D 172 -16.97 -4.73 19.45
C SER D 172 -16.59 -5.80 18.44
N ARG D 173 -16.57 -5.43 17.18
CA ARG D 173 -16.16 -6.35 16.12
C ARG D 173 -14.71 -6.81 16.33
N LEU D 174 -13.80 -5.88 16.63
CA LEU D 174 -12.40 -6.24 16.80
C LEU D 174 -12.24 -7.16 18.02
N THR D 175 -13.05 -6.94 19.04
CA THR D 175 -12.90 -7.70 20.29
C THR D 175 -13.41 -9.09 20.08
N GLU D 176 -14.50 -9.20 19.35
CA GLU D 176 -15.02 -10.46 18.93
C GLU D 176 -13.97 -11.21 18.11
N GLN D 177 -13.19 -10.50 17.31
CA GLN D 177 -12.13 -11.13 16.52
C GLN D 177 -10.85 -11.55 17.31
N GLY D 178 -10.75 -11.23 18.60
CA GLY D 178 -9.57 -11.61 19.36
C GLY D 178 -8.69 -10.49 19.91
N THR D 179 -9.17 -9.25 19.79
CA THR D 179 -8.36 -8.10 20.11
C THR D 179 -8.78 -7.58 21.47
N THR D 180 -7.87 -7.56 22.42
CA THR D 180 -8.05 -6.77 23.63
C THR D 180 -7.66 -5.33 23.36
N ILE D 181 -8.63 -4.43 23.55
CA ILE D 181 -8.46 -3.00 23.29
C ILE D 181 -8.21 -2.28 24.60
N VAL D 182 -7.05 -1.68 24.71
CA VAL D 182 -6.64 -0.88 25.88
C VAL D 182 -6.63 0.58 25.48
N LYS D 183 -7.57 1.39 26.00
CA LYS D 183 -7.74 2.80 25.61
C LYS D 183 -7.29 3.76 26.70
N VAL D 184 -6.38 4.64 26.36
CA VAL D 184 -5.74 5.53 27.32
C VAL D 184 -5.83 7.01 26.83
N LEU D 186 -4.17 10.58 28.07
CA LEU D 186 -3.26 11.20 29.02
C LEU D 186 -3.86 12.60 29.34
N ASN D 187 -3.95 12.94 30.63
CA ASN D 187 -4.59 14.17 31.07
C ASN D 187 -3.61 15.09 31.77
N ILE D 188 -3.44 16.28 31.18
CA ILE D 188 -2.57 17.27 31.71
C ILE D 188 -3.42 18.51 31.93
N SER D 189 -3.02 19.34 32.88
CA SER D 189 -3.70 20.58 33.12
C SER D 189 -3.36 21.59 32.06
N LYS D 190 -4.27 22.54 31.86
CA LYS D 190 -4.05 23.63 30.93
C LYS D 190 -2.80 24.43 31.30
N ASP D 191 -2.49 24.57 32.61
CA ASP D 191 -1.29 25.30 32.99
C ASP D 191 -0.06 24.51 32.68
N GLU D 192 -0.12 23.18 32.82
CA GLU D 192 1.04 22.32 32.48
C GLU D 192 1.37 22.41 31.02
N GLN D 193 0.35 22.47 30.17
CA GLN D 193 0.55 22.59 28.72
C GLN D 193 1.32 23.88 28.36
N LYS D 194 0.90 24.98 28.98
CA LYS D 194 1.59 26.26 28.81
C LYS D 194 3.06 26.17 29.24
N LYS D 195 3.28 25.52 30.37
CA LYS D 195 4.59 25.33 30.87
C LYS D 195 5.43 24.47 29.91
N ARG D 196 4.83 23.47 29.29
CA ARG D 196 5.63 22.68 28.35
C ARG D 196 5.88 23.43 27.00
N LEU D 197 4.93 24.23 26.53
CA LEU D 197 5.22 25.10 25.40
C LEU D 197 6.35 26.03 25.68
N ILE D 198 6.31 26.70 26.81
CA ILE D 198 7.41 27.65 27.14
C ILE D 198 8.75 26.91 27.19
N ALA D 199 8.76 25.76 27.84
CA ALA D 199 9.96 24.89 27.86
C ALA D 199 10.42 24.67 26.47
N ARG D 200 9.53 24.48 25.51
CA ARG D 200 10.03 24.19 24.18
C ARG D 200 10.66 25.42 23.56
N LEU D 201 10.10 26.60 23.85
CA LEU D 201 10.70 27.86 23.35
C LEU D 201 11.94 28.23 24.09
N ASP D 202 12.05 27.79 25.33
CA ASP D 202 13.20 28.18 26.11
C ASP D 202 14.46 27.35 25.87
N ASP D 203 14.38 26.28 25.09
CA ASP D 203 15.44 25.29 24.96
C ASP D 203 15.75 25.16 23.48
N PRO D 204 16.93 25.58 23.07
CA PRO D 204 17.19 25.62 21.60
C PRO D 204 17.05 24.28 20.86
N SER D 205 17.27 23.20 21.59
CA SER D 205 17.12 21.86 21.09
C SER D 205 15.66 21.39 20.91
N LYS D 206 14.70 22.18 21.43
CA LYS D 206 13.28 21.87 21.24
C LYS D 206 12.56 22.80 20.25
N HIS D 207 13.22 23.85 19.77
CA HIS D 207 12.57 24.79 18.83
C HIS D 207 12.00 24.05 17.62
N TRP D 208 12.71 23.07 17.11
CA TRP D 208 12.24 22.38 15.91
C TRP D 208 10.89 21.75 16.10
N LYS D 209 10.54 21.51 17.35
CA LYS D 209 9.34 20.81 17.73
C LYS D 209 8.14 21.72 18.01
N TYR D 210 8.35 23.05 18.11
CA TYR D 210 7.27 23.95 18.53
C TYR D 210 6.30 24.13 17.38
N SER D 211 5.03 24.08 17.70
CA SER D 211 4.01 24.33 16.72
C SER D 211 2.96 25.35 17.19
N ARG D 212 2.71 26.35 16.35
CA ARG D 212 1.75 27.39 16.60
C ARG D 212 0.40 26.77 16.72
N GLY D 213 0.20 25.63 16.07
CA GLY D 213 -1.04 24.88 16.27
C GLY D 213 -1.38 24.55 17.71
N ASP D 214 -0.38 24.32 18.53
CA ASP D 214 -0.62 24.09 19.95
C ASP D 214 -1.15 25.32 20.71
N LEU D 215 -0.80 26.54 20.27
CA LEU D 215 -1.47 27.73 20.76
C LEU D 215 -2.96 27.75 20.40
N ALA D 216 -3.35 27.35 19.19
CA ALA D 216 -4.80 27.07 18.93
C ALA D 216 -5.36 25.95 19.86
N GLU D 217 -4.62 24.85 20.04
CA GLU D 217 -5.16 23.83 20.94
C GLU D 217 -5.54 24.58 22.25
N ARG D 218 -4.72 25.57 22.60
CA ARG D 218 -4.93 26.27 23.85
C ARG D 218 -6.21 27.13 23.90
N ALA D 219 -6.46 27.89 22.88
CA ALA D 219 -7.69 28.71 22.88
C ALA D 219 -8.94 27.83 22.91
N TYR D 220 -8.87 26.61 22.35
CA TYR D 220 -10.03 25.72 22.36
C TYR D 220 -9.95 24.63 23.42
N TRP D 221 -9.17 24.84 24.49
CA TRP D 221 -8.90 23.78 25.47
C TRP D 221 -10.18 23.16 25.95
N ASP D 222 -11.07 24.00 26.45
CA ASP D 222 -12.31 23.56 27.10
C ASP D 222 -13.15 22.77 26.14
N ASP D 223 -13.11 23.16 24.89
CA ASP D 223 -13.88 22.45 23.89
C ASP D 223 -13.26 21.06 23.69
N TYR D 224 -11.95 20.96 23.60
CA TYR D 224 -11.37 19.63 23.51
C TYR D 224 -11.76 18.83 24.74
N ASP D 226 -14.33 19.04 26.70
CA ASP D 226 -15.73 18.66 26.55
C ASP D 226 -15.95 17.55 25.50
N ALA D 227 -15.23 17.64 24.38
CA ALA D 227 -15.36 16.61 23.37
C ALA D 227 -14.81 15.31 23.95
N TYR D 228 -13.83 15.37 24.85
CA TYR D 228 -13.30 14.13 25.45
C TYR D 228 -14.30 13.55 26.48
N SER D 229 -14.96 14.38 27.26
CA SER D 229 -16.00 13.90 28.15
C SER D 229 -17.14 13.18 27.44
N VAL D 230 -17.70 13.76 26.37
CA VAL D 230 -18.84 13.13 25.66
C VAL D 230 -18.31 11.81 25.16
N ALA D 231 -17.11 11.84 24.58
CA ALA D 231 -16.54 10.61 24.01
C ALA D 231 -16.45 9.50 25.09
N PHE D 232 -15.96 9.86 26.28
CA PHE D 232 -15.86 8.89 27.33
C PHE D 232 -17.23 8.39 27.76
N GLU D 233 -18.21 9.27 27.83
CA GLU D 233 -19.56 8.88 28.24
C GLU D 233 -20.14 7.87 27.26
N LYS D 234 -19.88 8.10 25.99
CA LYS D 234 -20.49 7.36 24.92
C LYS D 234 -19.80 6.05 24.51
N THR D 235 -18.53 5.88 24.87
CA THR D 235 -17.74 4.78 24.29
C THR D 235 -16.88 4.03 25.30
N SER D 236 -17.00 4.35 26.58
CA SER D 236 -16.39 3.55 27.62
C SER D 236 -17.23 2.36 27.91
N THR D 237 -16.95 1.26 27.21
CA THR D 237 -17.76 0.04 27.30
C THR D 237 -17.13 -1.00 28.17
N GLU D 238 -17.90 -2.02 28.48
CA GLU D 238 -17.38 -3.13 29.27
C GLU D 238 -16.22 -3.81 28.54
N ILE D 239 -16.36 -4.00 27.24
CA ILE D 239 -15.31 -4.69 26.51
C ILE D 239 -14.11 -3.79 26.17
N ALA D 240 -14.28 -2.48 26.27
CA ALA D 240 -13.28 -1.52 25.78
C ALA D 240 -13.47 -0.23 26.56
N PRO D 241 -13.01 -0.25 27.81
CA PRO D 241 -13.19 0.90 28.65
C PRO D 241 -12.10 1.88 28.45
N TRP D 242 -12.41 3.13 28.82
CA TRP D 242 -11.48 4.26 28.77
C TRP D 242 -10.74 4.31 30.08
N HIS D 243 -9.45 4.60 30.00
CA HIS D 243 -8.69 4.98 31.16
C HIS D 243 -8.17 6.39 30.94
N VAL D 244 -8.28 7.21 31.98
CA VAL D 244 -7.77 8.57 31.93
C VAL D 244 -6.61 8.64 32.89
N VAL D 245 -5.42 8.94 32.35
CA VAL D 245 -4.20 8.88 33.11
C VAL D 245 -3.67 10.26 33.44
N PRO D 246 -3.72 10.66 34.71
CA PRO D 246 -3.07 11.89 35.10
C PRO D 246 -1.65 11.94 34.61
N ALA D 247 -1.25 13.00 33.92
CA ALA D 247 0.01 12.99 33.17
C ALA D 247 0.94 14.19 33.37
N ASN D 248 0.53 15.17 34.18
CA ASN D 248 1.46 16.22 34.58
C ASN D 248 2.76 15.64 35.11
N LYS D 249 2.73 14.45 35.69
CA LYS D 249 3.97 13.72 35.95
C LYS D 249 4.32 12.68 34.87
N LYS D 250 5.18 13.08 33.94
CA LYS D 250 5.69 12.21 32.93
C LYS D 250 5.94 10.80 33.49
N TRP D 251 6.71 10.74 34.58
CA TRP D 251 7.14 9.45 35.18
C TRP D 251 5.98 8.57 35.61
N TYR D 252 4.93 9.15 36.15
CA TYR D 252 3.77 8.33 36.55
C TYR D 252 2.96 7.89 35.35
N ALA D 253 2.78 8.82 34.41
CA ALA D 253 2.03 8.51 33.16
C ALA D 253 2.65 7.26 32.46
N ARG D 254 3.98 7.19 32.43
CA ARG D 254 4.70 6.06 31.85
C ARG D 254 4.43 4.76 32.60
N ILE D 255 4.68 4.72 33.90
CA ILE D 255 4.38 3.46 34.59
C ILE D 255 2.89 3.08 34.52
N ALA D 256 2.00 4.07 34.47
CA ALA D 256 0.55 3.75 34.47
C ALA D 256 0.12 3.05 33.13
N VAL D 257 0.63 3.55 32.01
CA VAL D 257 0.30 3.02 30.70
C VAL D 257 0.92 1.64 30.55
N GLN D 258 2.15 1.46 31.01
CA GLN D 258 2.77 0.15 30.90
C GLN D 258 2.07 -0.84 31.79
N GLN D 259 1.58 -0.39 32.92
CA GLN D 259 0.94 -1.32 33.84
C GLN D 259 -0.42 -1.71 33.27
N LEU D 260 -1.13 -0.77 32.65
CA LEU D 260 -2.40 -1.14 32.02
C LEU D 260 -2.20 -2.20 30.98
N LEU D 261 -1.12 -2.09 30.27
CA LEU D 261 -0.82 -2.94 29.15
C LEU D 261 -0.33 -4.28 29.67
N LEU D 262 0.53 -4.27 30.66
CA LEU D 262 0.93 -5.49 31.35
C LEU D 262 -0.25 -6.28 31.85
N ASP D 263 -1.15 -5.64 32.59
CA ASP D 263 -2.31 -6.32 33.17
C ASP D 263 -3.25 -6.86 32.10
N ALA D 264 -3.37 -6.15 30.97
CA ALA D 264 -4.22 -6.65 29.87
C ALA D 264 -3.61 -7.89 29.26
N LEU D 265 -2.30 -7.87 29.04
CA LEU D 265 -1.61 -9.06 28.55
C LEU D 265 -1.66 -10.21 29.57
N GLY D 266 -1.47 -9.94 30.84
CA GLY D 266 -1.59 -10.95 31.86
C GLY D 266 -2.97 -11.57 31.91
N GLY D 267 -3.98 -10.84 31.45
CA GLY D 267 -5.35 -11.37 31.39
C GLY D 267 -5.69 -12.40 30.30
N LEU D 268 -4.80 -12.53 29.30
CA LEU D 268 -4.97 -13.43 28.15
C LEU D 268 -4.41 -14.83 28.40
N GLN D 269 -3.90 -15.05 29.61
CA GLN D 269 -3.38 -16.36 30.03
C GLN D 269 -2.52 -16.95 28.95
N LEU D 270 -1.40 -16.26 28.71
CA LEU D 270 -0.47 -16.59 27.66
C LEU D 270 0.61 -17.47 28.22
N ASP D 271 1.13 -18.34 27.39
CA ASP D 271 2.24 -19.17 27.72
C ASP D 271 2.95 -19.61 26.44
N TRP D 272 4.23 -19.99 26.57
CA TRP D 272 5.03 -20.48 25.45
C TRP D 272 4.44 -21.70 24.78
N PRO D 273 4.32 -21.69 23.46
CA PRO D 273 3.79 -22.87 22.77
C PRO D 273 4.63 -24.14 22.95
N LYS D 274 3.98 -25.29 23.08
CA LYS D 274 4.73 -26.55 23.17
C LYS D 274 5.19 -26.97 21.76
N ALA D 275 6.27 -27.73 21.68
CA ALA D 275 6.78 -28.18 20.39
C ALA D 275 5.83 -29.20 19.77
N ASP D 276 5.51 -29.03 18.49
CA ASP D 276 4.76 -30.05 17.72
C ASP D 276 5.72 -30.99 16.98
N PHE D 277 6.73 -31.49 17.71
CA PHE D 277 7.72 -32.43 17.18
C PHE D 277 8.46 -33.13 18.32
N ASP D 278 9.34 -34.07 17.98
CA ASP D 278 10.15 -34.82 18.94
C ASP D 278 11.46 -34.06 19.24
N VAL D 279 11.48 -33.36 20.37
CA VAL D 279 12.61 -32.50 20.72
C VAL D 279 13.87 -33.33 20.89
N ALA D 280 13.77 -34.33 21.77
CA ALA D 280 14.81 -35.35 21.95
C ALA D 280 15.46 -35.78 20.63
N ALA D 281 14.66 -36.20 19.66
CA ALA D 281 15.22 -36.75 18.45
C ALA D 281 15.94 -35.65 17.71
N GLU D 282 15.25 -34.52 17.53
CA GLU D 282 15.82 -33.38 16.82
C GLU D 282 17.13 -32.95 17.44
N ARG D 283 17.18 -32.92 18.75
CA ARG D 283 18.44 -32.54 19.39
C ARG D 283 19.56 -33.39 18.85
N ALA D 284 19.33 -34.70 18.84
CA ALA D 284 20.34 -35.65 18.40
C ALA D 284 20.76 -35.38 16.95
N LEU D 285 19.80 -35.04 16.09
CA LEU D 285 20.13 -34.75 14.68
C LEU D 285 20.98 -33.49 14.61
N VAL D 286 20.65 -32.49 15.46
CA VAL D 286 21.45 -31.24 15.52
C VAL D 286 22.88 -31.58 15.96
N VAL D 287 23.01 -32.42 17.00
CA VAL D 287 24.33 -32.84 17.52
C VAL D 287 25.22 -33.51 16.45
N GLU D 288 24.59 -34.27 15.57
CA GLU D 288 25.30 -34.96 14.48
C GLU D 288 25.49 -34.08 13.20
N SER D 289 24.96 -32.86 13.18
CA SER D 289 25.00 -31.96 11.98
C SER D 289 26.42 -31.45 11.58
#